data_5D9P
#
_entry.id   5D9P
#
_cell.length_a   48.192
_cell.length_b   49.015
_cell.length_c   85.972
_cell.angle_alpha   76.39
_cell.angle_beta   89.98
_cell.angle_gamma   66.80
#
_symmetry.space_group_name_H-M   'P 1'
#
loop_
_entity.id
_entity.type
_entity.pdbx_description
1 polymer B-1,4-endoglucanase
2 branched alpha-D-xylopyranose-(1-6)-beta-D-glucopyranose-(1-4)-[alpha-D-xylopyranose-(1-6)]beta-D-glucopyranose-(1-4)-[alpha-D-xylopyranose-(1-6)]beta-D-glucopyranose-(1-4)-N-acetyl-beta-D-glucopyranosylamine
3 non-polymer 'CALCIUM ION'
4 water water
#
_entity_poly.entity_id   1
_entity_poly.type   'polypeptide(L)'
_entity_poly.pdbx_seq_one_letter_code
;MINQNATYMEESAQSAVDNFGLGFNLGNTLDANGCGTGKPVATYETFWGQPETTQDMMTFLMQNGFNAVRIPVTWYEHMD
AEGNVDEAWMMRVKAIVEYAMNAGLYAIVNVHHDTAAGSGAWIKADTDVYAATKEKFKKLWTQIANALADYDQHLLFEGY
NEMLDGNNSWDEPQKASGYEALNNYAQDFVDAVRATGGNNATRNLIVNTYAAAKGENVLNNFMLPTDAVNNHLIVQVHSY
DPWNFFNTKTTWDSECHNTLTEIFSALSKKFTTIPYIIGEYGTHGESDISVSKSSPAEKIKLAADQAADMVKLAKDHHSA
TFYWMSIFDGSDRIQPQWSLPTVVEAMQEAYNN
;
_entity_poly.pdbx_strand_id   A,B
#
# COMPACT_ATOMS: atom_id res chain seq x y z
N ALA A 6 -18.06 16.18 24.01
CA ALA A 6 -18.25 15.29 22.86
C ALA A 6 -16.98 14.48 22.56
N THR A 7 -17.17 13.21 22.21
CA THR A 7 -16.08 12.26 21.99
C THR A 7 -15.81 11.93 20.52
N TYR A 8 -16.58 12.53 19.62
CA TYR A 8 -16.37 12.31 18.19
C TYR A 8 -14.99 12.79 17.75
N MET A 9 -14.34 12.00 16.90
CA MET A 9 -13.05 12.38 16.34
C MET A 9 -13.04 12.11 14.86
N GLU A 10 -13.13 13.18 14.07
CA GLU A 10 -13.15 13.11 12.61
C GLU A 10 -11.97 12.31 12.10
N GLU A 11 -12.23 11.49 11.07
CA GLU A 11 -11.23 10.57 10.53
C GLU A 11 -11.37 10.55 9.00
N SER A 12 -10.26 10.57 8.28
CA SER A 12 -10.35 10.54 6.82
C SER A 12 -10.92 9.22 6.30
N ALA A 13 -11.46 9.24 5.09
CA ALA A 13 -11.96 8.03 4.47
C ALA A 13 -10.85 6.97 4.37
N GLN A 14 -9.65 7.37 3.95
CA GLN A 14 -8.59 6.37 3.79
C GLN A 14 -8.19 5.76 5.13
N SER A 15 -8.16 6.58 6.17
CA SER A 15 -7.82 6.09 7.51
C SER A 15 -8.84 5.06 7.99
N ALA A 16 -10.11 5.36 7.75
CA ALA A 16 -11.19 4.45 8.14
C ALA A 16 -11.01 3.11 7.45
N VAL A 17 -10.86 3.15 6.13
CA VAL A 17 -10.69 1.93 5.33
C VAL A 17 -9.46 1.14 5.82
N ASP A 18 -8.38 1.85 6.13
CA ASP A 18 -7.19 1.18 6.68
C ASP A 18 -7.42 0.54 8.04
N ASN A 19 -8.38 1.07 8.81
CA ASN A 19 -8.67 0.52 10.13
C ASN A 19 -9.76 -0.54 10.13
N PHE A 20 -10.47 -0.69 9.00
CA PHE A 20 -11.54 -1.70 8.89
C PHE A 20 -11.03 -3.10 9.20
N GLY A 21 -9.81 -3.42 8.75
CA GLY A 21 -9.27 -4.76 8.88
C GLY A 21 -10.14 -5.80 8.19
N LEU A 22 -10.30 -6.96 8.81
CA LEU A 22 -11.21 -7.97 8.28
C LEU A 22 -12.67 -7.55 8.55
N GLY A 23 -13.48 -7.60 7.50
CA GLY A 23 -14.89 -7.23 7.62
C GLY A 23 -15.83 -8.40 7.37
N PHE A 24 -17.05 -8.28 7.90
CA PHE A 24 -18.06 -9.33 7.72
C PHE A 24 -19.43 -8.68 7.46
N ASN A 25 -20.21 -9.29 6.57
CA ASN A 25 -21.60 -8.87 6.29
C ASN A 25 -22.62 -9.64 7.09
N LEU A 26 -23.38 -8.93 7.91
CA LEU A 26 -24.51 -9.53 8.61
C LEU A 26 -25.66 -9.73 7.63
N GLY A 27 -25.47 -10.60 6.64
CA GLY A 27 -26.41 -10.74 5.54
C GLY A 27 -27.67 -11.54 5.84
N ASN A 28 -28.68 -11.34 5.00
CA ASN A 28 -30.00 -11.97 5.14
C ASN A 28 -30.62 -11.74 6.52
N THR A 29 -30.35 -10.58 7.08
CA THR A 29 -30.80 -10.31 8.43
C THR A 29 -31.73 -9.08 8.36
N LEU A 30 -31.23 -7.88 8.61
CA LEU A 30 -32.09 -6.70 8.49
C LEU A 30 -32.43 -6.40 7.02
N ASP A 31 -31.73 -7.07 6.11
CA ASP A 31 -32.03 -6.91 4.69
C ASP A 31 -33.13 -7.87 4.22
N ALA A 32 -33.46 -8.86 5.03
CA ALA A 32 -34.50 -9.83 4.70
C ALA A 32 -35.85 -9.13 4.53
N ASN A 33 -36.63 -9.61 3.57
CA ASN A 33 -37.87 -8.93 3.24
C ASN A 33 -38.80 -9.83 2.45
N GLY A 34 -40.07 -9.47 2.41
CA GLY A 34 -41.02 -10.18 1.56
C GLY A 34 -42.23 -10.72 2.31
N CYS A 35 -42.23 -10.55 3.63
CA CYS A 35 -43.31 -11.09 4.44
C CYS A 35 -44.51 -10.13 4.51
N GLY A 36 -44.32 -8.89 4.07
CA GLY A 36 -45.41 -7.91 4.12
C GLY A 36 -45.17 -6.86 5.20
N THR A 37 -46.05 -5.86 5.27
CA THR A 37 -45.88 -4.76 6.21
C THR A 37 -46.55 -5.02 7.56
N GLY A 38 -46.18 -4.22 8.57
CA GLY A 38 -46.81 -4.22 9.88
C GLY A 38 -46.46 -5.34 10.85
N LYS A 39 -45.57 -6.25 10.44
CA LYS A 39 -45.22 -7.43 11.23
C LYS A 39 -44.34 -7.05 12.41
N PRO A 40 -44.21 -7.93 13.42
CA PRO A 40 -43.25 -7.66 14.50
C PRO A 40 -41.84 -7.55 13.92
N VAL A 41 -40.97 -6.75 14.54
CA VAL A 41 -39.62 -6.57 14.02
C VAL A 41 -38.89 -7.90 13.85
N ALA A 42 -39.03 -8.78 14.83
CA ALA A 42 -38.36 -10.08 14.81
C ALA A 42 -38.77 -10.94 13.61
N THR A 43 -40.01 -10.78 13.15
CA THR A 43 -40.48 -11.54 11.99
C THR A 43 -39.65 -11.25 10.75
N TYR A 44 -39.33 -9.98 10.55
CA TYR A 44 -38.44 -9.58 9.48
C TYR A 44 -37.03 -10.12 9.67
N GLU A 45 -36.47 -9.90 10.86
CA GLU A 45 -35.06 -10.23 11.09
C GLU A 45 -34.78 -11.71 10.87
N THR A 46 -35.78 -12.54 11.13
CA THR A 46 -35.62 -13.99 11.03
C THR A 46 -36.26 -14.58 9.79
N PHE A 47 -36.77 -13.74 8.91
CA PHE A 47 -37.58 -14.23 7.79
C PHE A 47 -36.75 -15.09 6.82
N TRP A 48 -35.45 -14.85 6.76
CA TRP A 48 -34.60 -15.56 5.82
C TRP A 48 -33.64 -16.52 6.53
N GLY A 49 -34.04 -16.97 7.71
CA GLY A 49 -33.35 -18.08 8.35
C GLY A 49 -32.22 -17.71 9.29
N GLN A 50 -32.01 -16.42 9.52
CA GLN A 50 -30.99 -15.99 10.48
C GLN A 50 -31.62 -15.72 11.85
N PRO A 51 -30.83 -15.93 12.92
CA PRO A 51 -31.31 -15.65 14.27
C PRO A 51 -31.37 -14.15 14.55
N GLU A 52 -32.16 -13.74 15.54
CA GLU A 52 -32.12 -12.34 15.96
C GLU A 52 -30.69 -12.00 16.44
N THR A 53 -30.20 -10.85 15.98
CA THR A 53 -28.83 -10.42 16.29
C THR A 53 -28.73 -10.08 17.76
N THR A 54 -27.59 -10.43 18.36
CA THR A 54 -27.33 -10.14 19.76
C THR A 54 -25.98 -9.41 19.92
N GLN A 55 -25.80 -8.74 21.04
CA GLN A 55 -24.53 -8.09 21.34
C GLN A 55 -23.34 -9.07 21.28
N ASP A 56 -23.56 -10.29 21.75
CA ASP A 56 -22.55 -11.36 21.78
C ASP A 56 -21.96 -11.62 20.41
N MET A 57 -22.78 -11.49 19.37
CA MET A 57 -22.34 -11.71 18.00
C MET A 57 -21.30 -10.68 17.57
N MET A 58 -21.59 -9.42 17.87
CA MET A 58 -20.68 -8.34 17.50
C MET A 58 -19.41 -8.44 18.34
N THR A 59 -19.56 -8.81 19.61
CA THR A 59 -18.40 -8.99 20.46
C THR A 59 -17.52 -10.12 19.92
N PHE A 60 -18.17 -11.20 19.50
CA PHE A 60 -17.46 -12.33 18.94
C PHE A 60 -16.64 -11.91 17.73
N LEU A 61 -17.21 -11.09 16.86
CA LEU A 61 -16.47 -10.67 15.67
C LEU A 61 -15.20 -9.90 16.03
N MET A 62 -15.35 -8.91 16.90
CA MET A 62 -14.23 -8.08 17.34
C MET A 62 -13.13 -8.91 18.02
N GLN A 63 -13.54 -9.87 18.85
CA GLN A 63 -12.60 -10.64 19.67
C GLN A 63 -11.94 -11.76 18.88
N ASN A 64 -12.38 -11.94 17.65
CA ASN A 64 -11.80 -12.96 16.78
C ASN A 64 -11.25 -12.37 15.48
N GLY A 65 -10.69 -11.16 15.56
CA GLY A 65 -9.84 -10.64 14.50
C GLY A 65 -10.52 -9.83 13.43
N PHE A 66 -11.80 -9.51 13.62
CA PHE A 66 -12.54 -8.65 12.69
C PHE A 66 -12.73 -7.27 13.30
N ASN A 67 -12.63 -6.23 12.49
CA ASN A 67 -12.81 -4.88 13.00
CA ASN A 67 -12.83 -4.88 13.03
C ASN A 67 -13.89 -4.08 12.29
N ALA A 68 -14.63 -4.71 11.39
CA ALA A 68 -15.71 -3.99 10.69
C ALA A 68 -16.85 -4.91 10.31
N VAL A 69 -18.08 -4.41 10.46
CA VAL A 69 -19.26 -5.18 10.08
C VAL A 69 -20.17 -4.34 9.19
N ARG A 70 -20.62 -4.92 8.08
CA ARG A 70 -21.59 -4.26 7.24
C ARG A 70 -22.95 -4.80 7.62
N ILE A 71 -23.89 -3.88 7.85
CA ILE A 71 -25.22 -4.23 8.29
C ILE A 71 -26.23 -3.85 7.20
N PRO A 72 -26.46 -4.74 6.23
CA PRO A 72 -27.45 -4.43 5.17
C PRO A 72 -28.84 -4.23 5.78
N VAL A 73 -29.56 -3.22 5.32
CA VAL A 73 -30.93 -3.01 5.78
C VAL A 73 -31.83 -2.76 4.57
N THR A 74 -32.95 -3.47 4.52
CA THR A 74 -33.98 -3.22 3.51
C THR A 74 -35.13 -2.49 4.19
N TRP A 75 -35.58 -1.40 3.58
CA TRP A 75 -36.44 -0.44 4.26
C TRP A 75 -37.91 -0.40 3.80
N TYR A 76 -38.21 -0.82 2.57
CA TYR A 76 -39.53 -0.52 2.00
C TYR A 76 -40.73 -1.09 2.77
N GLU A 77 -40.58 -2.27 3.40
CA GLU A 77 -41.70 -2.84 4.17
C GLU A 77 -41.89 -2.13 5.51
N HIS A 78 -40.98 -1.21 5.82
CA HIS A 78 -41.02 -0.46 7.08
C HIS A 78 -41.31 1.02 6.86
N MET A 79 -41.76 1.35 5.66
CA MET A 79 -42.13 2.72 5.31
C MET A 79 -43.61 2.83 4.99
N ASP A 80 -44.25 3.88 5.49
CA ASP A 80 -45.67 4.05 5.22
C ASP A 80 -45.83 4.78 3.90
N ALA A 81 -47.07 5.17 3.57
CA ALA A 81 -47.34 5.80 2.28
C ALA A 81 -46.59 7.12 2.09
N GLU A 82 -46.29 7.79 3.18
CA GLU A 82 -45.60 9.07 3.12
C GLU A 82 -44.08 8.92 3.29
N GLY A 83 -43.59 7.68 3.32
CA GLY A 83 -42.15 7.42 3.39
C GLY A 83 -41.55 7.49 4.78
N ASN A 84 -42.40 7.59 5.80
CA ASN A 84 -41.90 7.58 7.18
C ASN A 84 -41.55 6.18 7.65
N VAL A 85 -40.38 6.03 8.27
CA VAL A 85 -39.97 4.71 8.74
C VAL A 85 -40.61 4.36 10.06
N ASP A 86 -41.17 3.15 10.15
CA ASP A 86 -41.73 2.64 11.40
C ASP A 86 -40.75 2.81 12.53
N GLU A 87 -41.21 3.36 13.65
CA GLU A 87 -40.34 3.63 14.79
C GLU A 87 -39.72 2.35 15.35
N ALA A 88 -40.50 1.28 15.41
CA ALA A 88 -40.00 0.00 15.95
C ALA A 88 -38.81 -0.51 15.13
N TRP A 89 -38.92 -0.35 13.82
CA TRP A 89 -37.86 -0.78 12.92
C TRP A 89 -36.62 0.10 13.10
N MET A 90 -36.80 1.41 13.09
CA MET A 90 -35.64 2.29 13.24
C MET A 90 -34.92 2.01 14.58
N MET A 91 -35.68 1.75 15.65
CA MET A 91 -35.05 1.44 16.93
C MET A 91 -34.25 0.15 16.89
N ARG A 92 -34.70 -0.82 16.10
CA ARG A 92 -33.96 -2.09 16.02
C ARG A 92 -32.68 -1.93 15.21
N VAL A 93 -32.74 -1.20 14.10
CA VAL A 93 -31.55 -0.85 13.33
C VAL A 93 -30.55 -0.15 14.25
N LYS A 94 -31.05 0.84 14.99
CA LYS A 94 -30.25 1.54 16.01
C LYS A 94 -29.64 0.61 17.04
N ALA A 95 -30.42 -0.36 17.50
CA ALA A 95 -29.95 -1.31 18.50
C ALA A 95 -28.81 -2.17 17.98
N ILE A 96 -28.92 -2.63 16.75
CA ILE A 96 -27.87 -3.48 16.20
C ILE A 96 -26.64 -2.64 15.92
N VAL A 97 -26.83 -1.41 15.48
CA VAL A 97 -25.70 -0.48 15.31
C VAL A 97 -24.95 -0.31 16.64
N GLU A 98 -25.71 -0.13 17.71
CA GLU A 98 -25.09 0.04 19.02
C GLU A 98 -24.32 -1.20 19.45
N TYR A 99 -24.82 -2.40 19.14
CA TYR A 99 -24.06 -3.61 19.42
C TYR A 99 -22.66 -3.48 18.83
N ALA A 100 -22.62 -3.04 17.57
CA ALA A 100 -21.36 -2.92 16.85
C ALA A 100 -20.49 -1.81 17.45
N MET A 101 -21.11 -0.69 17.75
CA MET A 101 -20.37 0.44 18.31
C MET A 101 -19.79 0.03 19.67
N ASN A 102 -20.62 -0.64 20.47
CA ASN A 102 -20.20 -1.09 21.79
C ASN A 102 -19.00 -2.03 21.73
N ALA A 103 -18.95 -2.85 20.69
CA ALA A 103 -17.87 -3.82 20.56
C ALA A 103 -16.59 -3.16 20.03
N GLY A 104 -16.68 -1.91 19.60
CA GLY A 104 -15.49 -1.21 19.12
C GLY A 104 -15.27 -1.46 17.65
N LEU A 105 -16.31 -1.92 16.98
CA LEU A 105 -16.24 -2.20 15.55
C LEU A 105 -16.52 -0.94 14.74
N TYR A 106 -16.02 -0.92 13.50
CA TYR A 106 -16.61 -0.05 12.50
C TYR A 106 -17.89 -0.70 12.00
N ALA A 107 -18.86 0.10 11.60
CA ALA A 107 -20.08 -0.46 11.05
C ALA A 107 -20.57 0.34 9.85
N ILE A 108 -21.16 -0.36 8.90
CA ILE A 108 -21.83 0.24 7.74
C ILE A 108 -23.32 -0.07 7.74
N VAL A 109 -24.13 0.98 7.64
CA VAL A 109 -25.55 0.81 7.43
C VAL A 109 -25.92 1.30 6.03
N ASN A 110 -26.66 0.49 5.28
CA ASN A 110 -27.02 0.87 3.92
C ASN A 110 -28.51 0.84 3.64
N VAL A 111 -28.83 0.98 2.36
CA VAL A 111 -30.15 0.76 1.80
C VAL A 111 -30.00 -0.41 0.81
N HIS A 112 -30.55 -1.58 1.15
CA HIS A 112 -30.15 -2.80 0.47
C HIS A 112 -31.15 -3.27 -0.60
N HIS A 113 -32.11 -4.13 -0.25
CA HIS A 113 -32.99 -4.71 -1.28
C HIS A 113 -34.12 -3.76 -1.72
N ASP A 114 -34.01 -2.50 -1.32
CA ASP A 114 -34.70 -1.41 -1.97
C ASP A 114 -34.15 -1.16 -3.37
N THR A 115 -32.98 -1.74 -3.65
CA THR A 115 -32.41 -1.82 -5.00
C THR A 115 -32.43 -3.24 -5.54
N ALA A 116 -32.28 -3.33 -6.87
CA ALA A 116 -32.02 -4.53 -7.66
C ALA A 116 -33.30 -5.21 -8.16
N ALA A 117 -33.28 -6.54 -8.25
CA ALA A 117 -34.27 -7.24 -9.09
C ALA A 117 -35.46 -7.80 -8.35
N GLY A 118 -35.45 -7.73 -7.02
CA GLY A 118 -36.51 -8.31 -6.21
C GLY A 118 -37.78 -7.48 -6.15
N SER A 119 -38.89 -8.11 -5.81
CA SER A 119 -40.12 -7.36 -5.62
CA SER A 119 -40.13 -7.38 -5.59
C SER A 119 -39.93 -6.37 -4.47
N GLY A 120 -40.55 -5.22 -4.60
CA GLY A 120 -40.42 -4.18 -3.61
C GLY A 120 -39.30 -3.19 -3.90
N ALA A 121 -38.35 -3.57 -4.75
CA ALA A 121 -37.26 -2.63 -5.10
C ALA A 121 -37.83 -1.41 -5.80
N TRP A 122 -37.37 -0.23 -5.41
CA TRP A 122 -37.94 1.01 -5.94
C TRP A 122 -36.89 2.05 -6.34
N ILE A 123 -35.63 1.80 -5.98
CA ILE A 123 -34.52 2.65 -6.37
C ILE A 123 -33.81 2.03 -7.57
N LYS A 124 -33.85 2.72 -8.72
CA LYS A 124 -33.35 2.13 -9.97
C LYS A 124 -32.62 3.16 -10.82
N ALA A 125 -31.59 2.72 -11.53
CA ALA A 125 -30.81 3.59 -12.40
C ALA A 125 -31.59 3.87 -13.67
N ASP A 126 -32.61 4.71 -13.53
CA ASP A 126 -33.54 4.98 -14.60
C ASP A 126 -34.12 6.38 -14.41
N THR A 127 -34.19 7.15 -15.49
CA THR A 127 -34.57 8.55 -15.41
C THR A 127 -35.95 8.73 -14.80
N ASP A 128 -36.90 7.89 -15.23
CA ASP A 128 -38.26 8.06 -14.76
C ASP A 128 -38.38 7.62 -13.31
N VAL A 129 -37.70 6.52 -12.97
CA VAL A 129 -37.72 6.02 -11.61
C VAL A 129 -37.08 7.06 -10.69
N TYR A 130 -35.93 7.59 -11.10
CA TYR A 130 -35.27 8.61 -10.29
C TYR A 130 -36.21 9.79 -10.04
N ALA A 131 -36.82 10.31 -11.10
CA ALA A 131 -37.72 11.45 -10.96
C ALA A 131 -38.84 11.16 -9.97
N ALA A 132 -39.40 9.96 -10.03
CA ALA A 132 -40.55 9.61 -9.20
C ALA A 132 -40.19 9.28 -7.75
N THR A 133 -38.92 9.00 -7.49
CA THR A 133 -38.52 8.51 -6.17
C THR A 133 -37.49 9.36 -5.45
N LYS A 134 -36.97 10.40 -6.09
CA LYS A 134 -35.88 11.15 -5.49
C LYS A 134 -36.27 11.79 -4.16
N GLU A 135 -37.50 12.29 -4.06
CA GLU A 135 -37.94 12.91 -2.80
C GLU A 135 -38.06 11.89 -1.66
N LYS A 136 -38.60 10.71 -1.97
CA LYS A 136 -38.70 9.62 -1.01
C LYS A 136 -37.32 9.14 -0.56
N PHE A 137 -36.40 9.03 -1.51
CA PHE A 137 -35.02 8.64 -1.22
C PHE A 137 -34.33 9.64 -0.28
N LYS A 138 -34.47 10.93 -0.58
CA LYS A 138 -33.88 11.95 0.30
C LYS A 138 -34.53 11.94 1.69
N LYS A 139 -35.84 11.71 1.74
CA LYS A 139 -36.53 11.68 3.02
C LYS A 139 -36.14 10.44 3.83
N LEU A 140 -35.94 9.32 3.15
CA LEU A 140 -35.45 8.12 3.80
C LEU A 140 -34.09 8.38 4.45
N TRP A 141 -33.16 8.92 3.66
CA TRP A 141 -31.81 9.13 4.18
C TRP A 141 -31.79 10.23 5.26
N THR A 142 -32.68 11.21 5.15
CA THR A 142 -32.78 12.23 6.20
C THR A 142 -33.14 11.58 7.54
N GLN A 143 -34.12 10.68 7.50
CA GLN A 143 -34.53 9.92 8.68
C GLN A 143 -33.44 9.02 9.25
N ILE A 144 -32.76 8.28 8.38
CA ILE A 144 -31.65 7.43 8.80
C ILE A 144 -30.54 8.26 9.43
N ALA A 145 -30.13 9.30 8.72
CA ALA A 145 -29.07 10.19 9.21
C ALA A 145 -29.43 10.78 10.58
N ASN A 146 -30.66 11.27 10.71
CA ASN A 146 -31.09 11.84 11.98
C ASN A 146 -31.17 10.79 13.07
N ALA A 147 -31.68 9.60 12.74
CA ALA A 147 -31.79 8.55 13.74
C ALA A 147 -30.41 8.11 14.26
N LEU A 148 -29.42 8.09 13.38
CA LEU A 148 -28.09 7.56 13.75
C LEU A 148 -27.04 8.68 13.96
N ALA A 149 -27.51 9.91 14.09
CA ALA A 149 -26.66 11.10 14.12
C ALA A 149 -25.60 11.09 15.21
N ASP A 150 -25.93 10.51 16.34
CA ASP A 150 -25.07 10.64 17.51
C ASP A 150 -23.91 9.63 17.56
N TYR A 151 -23.94 8.63 16.69
CA TYR A 151 -22.86 7.66 16.69
C TYR A 151 -21.60 8.29 16.11
N ASP A 152 -20.44 7.85 16.58
CA ASP A 152 -19.23 8.53 16.18
C ASP A 152 -18.73 8.04 14.84
N GLN A 153 -17.46 8.32 14.57
CA GLN A 153 -16.89 8.10 13.26
C GLN A 153 -16.77 6.62 12.88
N HIS A 154 -16.99 5.72 13.84
CA HIS A 154 -16.93 4.30 13.51
C HIS A 154 -18.14 3.85 12.69
N LEU A 155 -19.18 4.68 12.68
CA LEU A 155 -20.37 4.38 11.87
C LEU A 155 -20.33 5.11 10.52
N LEU A 156 -20.46 4.34 9.45
CA LEU A 156 -20.52 4.89 8.09
C LEU A 156 -21.89 4.62 7.50
N PHE A 157 -22.30 5.46 6.55
CA PHE A 157 -23.55 5.24 5.80
C PHE A 157 -23.23 4.88 4.36
N GLU A 158 -23.98 3.95 3.80
CA GLU A 158 -23.84 3.55 2.40
C GLU A 158 -25.18 3.82 1.69
N GLY A 159 -25.17 4.70 0.69
CA GLY A 159 -26.40 5.17 0.06
C GLY A 159 -27.35 4.15 -0.53
N TYR A 160 -26.81 3.12 -1.18
CA TYR A 160 -27.62 2.15 -1.93
C TYR A 160 -26.73 0.96 -2.27
N ASN A 161 -27.31 -0.24 -2.30
CA ASN A 161 -26.54 -1.45 -2.48
C ASN A 161 -26.21 -1.79 -3.94
N GLU A 162 -27.24 -2.17 -4.69
CA GLU A 162 -27.08 -2.83 -5.98
C GLU A 162 -28.02 -2.21 -7.00
N MET A 163 -27.78 -0.96 -7.36
CA MET A 163 -28.69 -0.27 -8.27
C MET A 163 -28.56 -0.78 -9.70
N LEU A 164 -29.71 -1.16 -10.26
CA LEU A 164 -29.79 -1.64 -11.65
C LEU A 164 -30.76 -0.74 -12.40
N ASP A 165 -30.76 -0.85 -13.73
CA ASP A 165 -31.79 -0.14 -14.50
C ASP A 165 -33.12 -0.88 -14.42
N GLY A 166 -34.12 -0.43 -15.20
CA GLY A 166 -35.45 -1.04 -15.16
C GLY A 166 -35.49 -2.38 -15.87
N ASN A 167 -34.37 -2.74 -16.49
CA ASN A 167 -34.21 -4.04 -17.13
C ASN A 167 -33.50 -5.05 -16.23
N ASN A 168 -33.13 -4.58 -15.04
CA ASN A 168 -32.30 -5.36 -14.13
C ASN A 168 -31.05 -5.87 -14.82
N SER A 169 -30.42 -5.03 -15.63
CA SER A 169 -29.20 -5.43 -16.33
C SER A 169 -28.03 -5.46 -15.36
N TRP A 170 -27.42 -6.62 -15.23
CA TRP A 170 -26.38 -6.83 -14.22
C TRP A 170 -24.96 -6.38 -14.61
N ASP A 171 -24.72 -6.06 -15.87
CA ASP A 171 -23.39 -5.61 -16.25
C ASP A 171 -23.34 -4.08 -16.36
N GLU A 172 -24.23 -3.52 -17.16
CA GLU A 172 -24.30 -2.08 -17.44
C GLU A 172 -25.75 -1.69 -17.68
N PRO A 173 -26.11 -0.43 -17.44
CA PRO A 173 -27.47 -0.05 -17.85
C PRO A 173 -27.56 -0.11 -19.37
N GLN A 174 -28.73 -0.44 -19.91
CA GLN A 174 -28.82 -0.54 -21.35
C GLN A 174 -28.80 0.82 -22.00
N LYS A 175 -29.21 1.85 -21.25
CA LYS A 175 -29.19 3.23 -21.74
C LYS A 175 -28.26 4.07 -20.87
N ALA A 176 -27.45 4.91 -21.53
CA ALA A 176 -26.45 5.72 -20.84
C ALA A 176 -27.06 6.65 -19.79
N SER A 177 -28.29 7.08 -20.02
CA SER A 177 -29.00 7.93 -19.08
C SER A 177 -29.10 7.28 -17.69
N GLY A 178 -29.02 5.96 -17.65
CA GLY A 178 -29.06 5.23 -16.40
C GLY A 178 -27.96 5.66 -15.45
N TYR A 179 -26.77 5.90 -16.00
CA TYR A 179 -25.65 6.33 -15.18
C TYR A 179 -25.96 7.66 -14.52
N GLU A 180 -26.62 8.55 -15.26
CA GLU A 180 -26.93 9.87 -14.76
C GLU A 180 -27.90 9.80 -13.59
N ALA A 181 -28.84 8.84 -13.66
CA ALA A 181 -29.77 8.62 -12.55
C ALA A 181 -29.00 8.18 -11.30
N LEU A 182 -28.17 7.18 -11.46
CA LEU A 182 -27.40 6.67 -10.33
C LEU A 182 -26.54 7.77 -9.71
N ASN A 183 -25.84 8.53 -10.56
CA ASN A 183 -25.02 9.62 -10.08
C ASN A 183 -25.85 10.67 -9.31
N ASN A 184 -27.06 10.94 -9.77
CA ASN A 184 -27.98 11.84 -9.08
C ASN A 184 -28.42 11.32 -7.72
N TYR A 185 -28.76 10.04 -7.64
CA TYR A 185 -29.07 9.39 -6.36
C TYR A 185 -27.88 9.56 -5.41
N ALA A 186 -26.68 9.28 -5.91
CA ALA A 186 -25.48 9.38 -5.08
C ALA A 186 -25.34 10.78 -4.50
N GLN A 187 -25.57 11.78 -5.35
CA GLN A 187 -25.43 13.16 -4.90
C GLN A 187 -26.49 13.51 -3.86
N ASP A 188 -27.73 13.07 -4.12
CA ASP A 188 -28.83 13.35 -3.20
C ASP A 188 -28.57 12.72 -1.85
N PHE A 189 -27.96 11.53 -1.86
CA PHE A 189 -27.61 10.83 -0.64
C PHE A 189 -26.61 11.64 0.17
N VAL A 190 -25.48 11.98 -0.45
CA VAL A 190 -24.49 12.79 0.25
C VAL A 190 -25.16 14.09 0.74
N ASP A 191 -25.93 14.75 -0.12
CA ASP A 191 -26.56 16.02 0.24
C ASP A 191 -27.47 15.88 1.46
N ALA A 192 -28.33 14.87 1.44
CA ALA A 192 -29.32 14.73 2.51
C ALA A 192 -28.61 14.44 3.82
N VAL A 193 -27.56 13.62 3.77
CA VAL A 193 -26.86 13.25 4.99
C VAL A 193 -26.15 14.47 5.55
N ARG A 194 -25.42 15.18 4.70
CA ARG A 194 -24.65 16.32 5.15
C ARG A 194 -25.57 17.38 5.75
N ALA A 195 -26.74 17.56 5.15
CA ALA A 195 -27.65 18.61 5.60
C ALA A 195 -28.12 18.42 7.03
N THR A 196 -28.02 17.21 7.58
CA THR A 196 -28.52 17.01 8.95
C THR A 196 -27.53 17.51 10.00
N GLY A 197 -26.31 17.82 9.58
CA GLY A 197 -25.31 18.40 10.46
C GLY A 197 -24.78 17.47 11.53
N GLY A 198 -24.30 18.05 12.64
CA GLY A 198 -23.72 17.25 13.70
C GLY A 198 -22.58 16.40 13.19
N ASN A 199 -22.46 15.16 13.70
CA ASN A 199 -21.40 14.26 13.22
C ASN A 199 -21.55 13.96 11.73
N ASN A 200 -22.78 13.99 11.23
CA ASN A 200 -23.04 13.69 9.83
C ASN A 200 -22.42 14.69 8.85
N ALA A 201 -21.97 15.83 9.36
CA ALA A 201 -21.31 16.81 8.50
C ALA A 201 -19.98 16.28 7.98
N THR A 202 -19.33 15.41 8.75
CA THR A 202 -18.02 14.89 8.38
C THR A 202 -17.92 13.36 8.43
N ARG A 203 -19.06 12.70 8.62
CA ARG A 203 -19.08 11.24 8.65
C ARG A 203 -18.61 10.67 7.33
N ASN A 204 -17.91 9.54 7.37
CA ASN A 204 -17.48 8.91 6.13
C ASN A 204 -18.65 8.19 5.48
N LEU A 205 -18.87 8.47 4.19
CA LEU A 205 -20.02 7.96 3.46
C LEU A 205 -19.56 7.08 2.31
N ILE A 206 -20.38 6.09 1.95
CA ILE A 206 -20.02 5.13 0.91
C ILE A 206 -20.98 5.18 -0.29
N VAL A 207 -20.42 5.28 -1.48
CA VAL A 207 -21.23 5.29 -2.69
C VAL A 207 -20.84 4.11 -3.58
N ASN A 208 -21.85 3.44 -4.13
CA ASN A 208 -21.60 2.21 -4.88
C ASN A 208 -21.68 2.45 -6.37
N THR A 209 -20.90 1.70 -7.13
CA THR A 209 -21.01 1.70 -8.59
C THR A 209 -22.33 1.06 -9.05
N TYR A 210 -22.66 1.26 -10.33
CA TYR A 210 -23.78 0.55 -10.95
C TYR A 210 -23.67 -0.95 -10.70
N ALA A 211 -24.74 -1.54 -10.19
CA ALA A 211 -24.77 -2.99 -9.87
C ALA A 211 -23.66 -3.45 -8.89
N ALA A 212 -22.97 -2.50 -8.27
CA ALA A 212 -21.74 -2.78 -7.50
C ALA A 212 -20.77 -3.55 -8.38
N ALA A 213 -20.82 -3.26 -9.67
CA ALA A 213 -19.99 -3.92 -10.66
C ALA A 213 -18.74 -3.07 -10.93
N LYS A 214 -17.87 -3.57 -11.80
CA LYS A 214 -16.58 -2.94 -12.03
C LYS A 214 -16.01 -3.17 -13.44
N GLY A 215 -16.90 -3.36 -14.41
CA GLY A 215 -16.52 -3.45 -15.80
C GLY A 215 -16.04 -2.09 -16.25
N GLU A 216 -15.41 -2.01 -17.42
CA GLU A 216 -14.76 -0.78 -17.83
C GLU A 216 -15.73 0.41 -17.99
N ASN A 217 -16.91 0.15 -18.55
CA ASN A 217 -17.90 1.20 -18.73
C ASN A 217 -18.49 1.66 -17.40
N VAL A 218 -18.73 0.72 -16.49
CA VAL A 218 -19.27 1.11 -15.19
C VAL A 218 -18.27 2.01 -14.47
N LEU A 219 -16.99 1.69 -14.53
CA LEU A 219 -16.00 2.52 -13.87
C LEU A 219 -15.86 3.88 -14.55
N ASN A 220 -15.86 3.90 -15.88
CA ASN A 220 -15.73 5.16 -16.63
C ASN A 220 -16.89 6.10 -16.42
N ASN A 221 -18.08 5.54 -16.28
CA ASN A 221 -19.27 6.37 -16.13
C ASN A 221 -19.64 6.66 -14.69
N PHE A 222 -18.89 6.11 -13.75
CA PHE A 222 -19.08 6.46 -12.34
C PHE A 222 -18.50 7.85 -12.06
N MET A 223 -19.27 8.72 -11.41
CA MET A 223 -18.82 10.05 -11.01
CA MET A 223 -18.69 9.98 -10.97
C MET A 223 -19.02 10.26 -9.50
N LEU A 224 -17.96 10.53 -8.75
CA LEU A 224 -18.07 10.77 -7.32
C LEU A 224 -18.90 12.01 -7.02
N PRO A 225 -19.85 11.90 -6.09
CA PRO A 225 -20.61 13.11 -5.75
C PRO A 225 -19.71 14.22 -5.23
N THR A 226 -20.14 15.46 -5.43
CA THR A 226 -19.47 16.63 -4.87
CA THR A 226 -19.42 16.58 -4.86
C THR A 226 -19.73 16.67 -3.36
N ASP A 227 -18.69 16.95 -2.59
CA ASP A 227 -18.78 16.99 -1.13
C ASP A 227 -17.97 18.18 -0.62
N ALA A 228 -18.58 19.02 0.20
CA ALA A 228 -17.97 20.27 0.64
C ALA A 228 -16.81 20.02 1.59
N VAL A 229 -16.86 18.92 2.33
CA VAL A 229 -15.78 18.59 3.25
C VAL A 229 -14.84 17.64 2.52
N ASN A 230 -13.63 17.44 3.02
CA ASN A 230 -12.73 16.65 2.19
C ASN A 230 -12.37 15.31 2.75
N ASN A 231 -12.13 14.39 1.82
CA ASN A 231 -11.67 13.05 2.12
C ASN A 231 -12.62 12.30 3.05
N HIS A 232 -13.92 12.38 2.75
CA HIS A 232 -14.93 11.62 3.49
C HIS A 232 -15.86 10.79 2.62
N LEU A 233 -15.37 10.39 1.44
CA LEU A 233 -16.15 9.51 0.57
C LEU A 233 -15.37 8.25 0.23
N ILE A 234 -16.09 7.14 0.19
CA ILE A 234 -15.53 5.83 -0.15
C ILE A 234 -16.34 5.22 -1.29
N VAL A 235 -15.71 4.57 -2.26
CA VAL A 235 -16.49 3.90 -3.28
CA VAL A 235 -16.45 3.88 -3.30
C VAL A 235 -16.49 2.38 -3.02
N GLN A 236 -17.62 1.74 -3.28
CA GLN A 236 -17.78 0.30 -3.03
C GLN A 236 -18.13 -0.46 -4.29
N VAL A 237 -17.51 -1.62 -4.45
CA VAL A 237 -17.92 -2.61 -5.44
C VAL A 237 -18.03 -3.94 -4.71
N HIS A 238 -18.62 -4.94 -5.38
CA HIS A 238 -18.64 -6.32 -4.86
C HIS A 238 -17.80 -7.21 -5.78
N SER A 239 -17.39 -8.36 -5.26
CA SER A 239 -16.51 -9.28 -5.97
C SER A 239 -16.78 -10.74 -5.64
N TYR A 240 -17.63 -11.39 -6.42
CA TYR A 240 -17.79 -12.83 -6.33
C TYR A 240 -17.02 -13.42 -7.50
N ASP A 241 -15.72 -13.09 -7.56
CA ASP A 241 -14.87 -13.40 -8.71
C ASP A 241 -13.86 -14.51 -8.45
N PRO A 242 -13.53 -15.30 -9.47
CA PRO A 242 -14.11 -15.34 -10.82
C PRO A 242 -15.56 -15.79 -10.80
N TRP A 243 -16.41 -15.20 -11.64
CA TRP A 243 -17.82 -15.56 -11.61
C TRP A 243 -18.01 -17.06 -11.76
N ASN A 244 -18.77 -17.63 -10.82
CA ASN A 244 -19.14 -19.05 -10.78
C ASN A 244 -17.97 -20.01 -10.58
N PHE A 245 -16.85 -19.49 -10.08
CA PHE A 245 -15.67 -20.31 -9.84
C PHE A 245 -15.96 -21.47 -8.89
N PHE A 246 -16.87 -21.27 -7.93
CA PHE A 246 -17.16 -22.32 -6.96
C PHE A 246 -17.76 -23.56 -7.64
N ASN A 247 -18.43 -23.37 -8.76
CA ASN A 247 -19.03 -24.50 -9.46
C ASN A 247 -18.19 -25.00 -10.63
N THR A 248 -17.13 -24.27 -10.99
CA THR A 248 -16.34 -24.69 -12.14
C THR A 248 -14.86 -24.94 -11.86
N LYS A 249 -14.34 -24.42 -10.74
CA LYS A 249 -12.94 -24.62 -10.41
C LYS A 249 -12.75 -25.66 -9.30
N THR A 250 -11.64 -26.40 -9.40
CA THR A 250 -11.26 -27.38 -8.39
C THR A 250 -10.41 -26.73 -7.31
N THR A 251 -9.50 -25.88 -7.76
CA THR A 251 -8.54 -25.25 -6.87
C THR A 251 -8.44 -23.77 -7.21
N TRP A 252 -8.02 -23.00 -6.22
CA TRP A 252 -7.77 -21.59 -6.46
C TRP A 252 -6.42 -21.44 -7.17
N ASP A 253 -6.47 -21.43 -8.50
CA ASP A 253 -5.25 -21.51 -9.33
C ASP A 253 -4.82 -20.16 -9.90
N SER A 254 -3.85 -20.19 -10.81
CA SER A 254 -3.33 -18.97 -11.41
C SER A 254 -4.40 -18.13 -12.09
N GLU A 255 -5.34 -18.79 -12.77
CA GLU A 255 -6.42 -18.06 -13.43
C GLU A 255 -7.23 -17.27 -12.40
N CYS A 256 -7.55 -17.92 -11.28
CA CYS A 256 -8.29 -17.26 -10.19
C CYS A 256 -7.52 -16.07 -9.62
N HIS A 257 -6.26 -16.31 -9.27
CA HIS A 257 -5.40 -15.28 -8.71
C HIS A 257 -5.26 -14.11 -9.66
N ASN A 258 -5.06 -14.41 -10.95
CA ASN A 258 -4.85 -13.36 -11.93
C ASN A 258 -6.10 -12.52 -12.11
N THR A 259 -7.25 -13.18 -12.01
CA THR A 259 -8.52 -12.47 -12.08
C THR A 259 -8.59 -11.42 -10.97
N LEU A 260 -8.28 -11.81 -9.74
CA LEU A 260 -8.35 -10.86 -8.62
C LEU A 260 -7.30 -9.75 -8.75
N THR A 261 -6.07 -10.12 -9.11
CA THR A 261 -5.00 -9.13 -9.19
CA THR A 261 -5.00 -9.16 -9.19
C THR A 261 -5.35 -8.10 -10.27
N GLU A 262 -6.02 -8.52 -11.34
CA GLU A 262 -6.44 -7.59 -12.40
C GLU A 262 -7.52 -6.64 -11.90
N ILE A 263 -8.43 -7.19 -11.11
CA ILE A 263 -9.52 -6.40 -10.54
C ILE A 263 -8.96 -5.29 -9.68
N PHE A 264 -8.06 -5.63 -8.75
CA PHE A 264 -7.53 -4.59 -7.88
C PHE A 264 -6.70 -3.55 -8.64
N SER A 265 -5.97 -4.01 -9.67
CA SER A 265 -5.24 -3.08 -10.53
C SER A 265 -6.19 -2.10 -11.24
N ALA A 266 -7.28 -2.62 -11.76
CA ALA A 266 -8.27 -1.79 -12.43
C ALA A 266 -8.90 -0.80 -11.45
N LEU A 267 -9.23 -1.26 -10.25
CA LEU A 267 -9.82 -0.37 -9.23
C LEU A 267 -8.85 0.72 -8.77
N SER A 268 -7.60 0.33 -8.50
CA SER A 268 -6.61 1.29 -8.03
C SER A 268 -6.27 2.31 -9.12
N LYS A 269 -6.30 1.88 -10.39
CA LYS A 269 -6.03 2.80 -11.49
C LYS A 269 -7.17 3.81 -11.66
N LYS A 270 -8.41 3.34 -11.47
CA LYS A 270 -9.56 4.22 -11.59
C LYS A 270 -9.65 5.21 -10.44
N PHE A 271 -9.52 4.69 -9.22
CA PHE A 271 -9.74 5.48 -8.03
C PHE A 271 -8.39 5.81 -7.40
N THR A 272 -7.90 7.01 -7.67
CA THR A 272 -6.57 7.40 -7.23
C THR A 272 -6.50 8.19 -5.92
N THR A 273 -7.40 9.14 -5.71
CA THR A 273 -7.35 9.94 -4.49
C THR A 273 -8.33 9.48 -3.41
N ILE A 274 -9.27 8.61 -3.79
CA ILE A 274 -10.26 8.10 -2.85
C ILE A 274 -10.15 6.61 -2.63
N PRO A 275 -10.35 6.17 -1.39
CA PRO A 275 -10.34 4.74 -1.12
C PRO A 275 -11.56 4.02 -1.69
N TYR A 276 -11.37 2.74 -1.99
CA TYR A 276 -12.48 1.88 -2.37
C TYR A 276 -12.48 0.62 -1.51
N ILE A 277 -13.65 0.00 -1.39
CA ILE A 277 -13.78 -1.25 -0.67
C ILE A 277 -14.50 -2.34 -1.48
N ILE A 278 -14.21 -3.59 -1.10
CA ILE A 278 -14.95 -4.74 -1.58
C ILE A 278 -16.02 -5.02 -0.53
N GLY A 279 -17.22 -4.50 -0.75
CA GLY A 279 -18.26 -4.52 0.28
C GLY A 279 -18.88 -5.89 0.48
N GLU A 280 -18.73 -6.76 -0.51
CA GLU A 280 -19.18 -8.16 -0.42
C GLU A 280 -18.27 -9.03 -1.25
N TYR A 281 -17.92 -10.21 -0.74
CA TYR A 281 -17.28 -11.23 -1.56
C TYR A 281 -17.57 -12.60 -0.98
N GLY A 282 -17.45 -13.63 -1.81
CA GLY A 282 -17.75 -14.98 -1.38
C GLY A 282 -17.77 -15.94 -2.54
N THR A 283 -18.25 -17.15 -2.29
CA THR A 283 -18.30 -18.23 -3.28
C THR A 283 -19.60 -18.24 -4.09
N HIS A 284 -20.54 -17.39 -3.72
CA HIS A 284 -21.86 -17.36 -4.33
C HIS A 284 -21.79 -17.18 -5.85
N GLY A 285 -22.37 -18.12 -6.58
CA GLY A 285 -22.30 -18.13 -8.04
C GLY A 285 -23.66 -18.35 -8.67
N GLU A 286 -23.69 -19.12 -9.76
CA GLU A 286 -24.96 -19.43 -10.44
C GLU A 286 -25.95 -20.08 -9.49
N SER A 287 -27.22 -19.67 -9.61
CA SER A 287 -28.30 -20.08 -8.71
C SER A 287 -27.95 -19.80 -7.25
N ASP A 288 -27.10 -18.81 -7.02
CA ASP A 288 -26.56 -18.48 -5.69
C ASP A 288 -26.02 -19.68 -4.90
N ILE A 289 -25.54 -20.69 -5.62
CA ILE A 289 -24.86 -21.83 -4.99
C ILE A 289 -23.62 -21.35 -4.26
N SER A 290 -23.41 -21.80 -3.02
CA SER A 290 -22.28 -21.31 -2.23
C SER A 290 -21.76 -22.35 -1.22
N VAL A 291 -20.56 -22.11 -0.68
CA VAL A 291 -19.92 -23.04 0.25
C VAL A 291 -20.64 -23.09 1.58
N SER A 292 -20.59 -24.26 2.22
CA SER A 292 -21.03 -24.42 3.61
C SER A 292 -20.18 -25.48 4.31
N LYS A 293 -20.39 -25.69 5.60
CA LYS A 293 -19.56 -26.65 6.32
C LYS A 293 -19.81 -28.09 5.84
N SER A 294 -20.88 -28.31 5.07
CA SER A 294 -21.10 -29.65 4.51
C SER A 294 -20.50 -29.81 3.11
N SER A 295 -19.88 -28.76 2.59
CA SER A 295 -19.18 -28.84 1.30
C SER A 295 -17.98 -29.77 1.42
N PRO A 296 -17.58 -30.43 0.30
CA PRO A 296 -16.38 -31.26 0.32
C PRO A 296 -15.16 -30.46 0.80
N ALA A 297 -14.25 -31.12 1.50
CA ALA A 297 -13.05 -30.46 2.03
C ALA A 297 -12.35 -29.65 0.98
N GLU A 298 -12.33 -30.17 -0.24
CA GLU A 298 -11.65 -29.50 -1.35
C GLU A 298 -12.31 -28.17 -1.68
N LYS A 299 -13.64 -28.13 -1.61
CA LYS A 299 -14.41 -26.94 -1.90
C LYS A 299 -14.26 -25.90 -0.79
N ILE A 300 -14.20 -26.36 0.44
CA ILE A 300 -13.93 -25.46 1.58
C ILE A 300 -12.52 -24.85 1.43
N LYS A 301 -11.53 -25.65 1.05
CA LYS A 301 -10.20 -25.12 0.81
C LYS A 301 -10.22 -24.08 -0.32
N LEU A 302 -11.05 -24.35 -1.35
CA LEU A 302 -11.23 -23.38 -2.43
C LEU A 302 -11.70 -22.02 -1.89
N ALA A 303 -12.70 -22.06 -1.01
CA ALA A 303 -13.21 -20.86 -0.37
C ALA A 303 -12.14 -20.18 0.48
N ALA A 304 -11.38 -21.00 1.22
CA ALA A 304 -10.34 -20.44 2.08
C ALA A 304 -9.31 -19.70 1.22
N ASP A 305 -8.93 -20.31 0.10
CA ASP A 305 -7.91 -19.73 -0.75
C ASP A 305 -8.40 -18.44 -1.42
N GLN A 306 -9.67 -18.41 -1.84
CA GLN A 306 -10.23 -17.17 -2.35
C GLN A 306 -10.14 -16.07 -1.30
N ALA A 307 -10.57 -16.39 -0.09
CA ALA A 307 -10.65 -15.36 0.96
C ALA A 307 -9.27 -14.82 1.30
N ALA A 308 -8.30 -15.74 1.42
CA ALA A 308 -6.93 -15.34 1.75
C ALA A 308 -6.34 -14.40 0.70
N ASP A 309 -6.60 -14.69 -0.56
CA ASP A 309 -6.09 -13.86 -1.65
C ASP A 309 -6.80 -12.48 -1.63
N MET A 310 -8.14 -12.51 -1.51
CA MET A 310 -8.93 -11.29 -1.49
C MET A 310 -8.46 -10.35 -0.38
N VAL A 311 -8.28 -10.92 0.80
CA VAL A 311 -7.86 -10.17 1.98
C VAL A 311 -6.47 -9.56 1.78
N LYS A 312 -5.55 -10.34 1.24
CA LYS A 312 -4.16 -9.88 1.04
C LYS A 312 -4.07 -8.79 -0.02
N LEU A 313 -4.68 -9.04 -1.18
CA LEU A 313 -4.68 -8.06 -2.25
C LEU A 313 -5.30 -6.74 -1.82
N ALA A 314 -6.42 -6.79 -1.09
CA ALA A 314 -7.01 -5.54 -0.63
C ALA A 314 -6.06 -4.82 0.30
N LYS A 315 -5.38 -5.55 1.16
CA LYS A 315 -4.41 -4.93 2.05
C LYS A 315 -3.34 -4.22 1.21
N ASP A 316 -2.80 -4.93 0.22
CA ASP A 316 -1.77 -4.37 -0.68
C ASP A 316 -2.26 -3.10 -1.36
N HIS A 317 -3.55 -3.03 -1.66
CA HIS A 317 -4.10 -1.91 -2.41
C HIS A 317 -4.78 -0.87 -1.53
N HIS A 318 -4.51 -0.92 -0.23
CA HIS A 318 -5.06 0.01 0.73
C HIS A 318 -6.58 0.03 0.59
N SER A 319 -7.14 -1.18 0.47
CA SER A 319 -8.58 -1.37 0.39
C SER A 319 -9.02 -2.11 1.64
N ALA A 320 -10.22 -2.68 1.61
CA ALA A 320 -10.74 -3.50 2.70
C ALA A 320 -11.88 -4.36 2.18
N THR A 321 -12.18 -5.42 2.91
CA THR A 321 -13.10 -6.44 2.42
C THR A 321 -14.11 -6.85 3.47
N PHE A 322 -15.32 -7.23 3.02
CA PHE A 322 -16.36 -7.73 3.89
C PHE A 322 -16.91 -9.07 3.36
N TYR A 323 -16.70 -10.14 4.12
CA TYR A 323 -17.15 -11.47 3.71
C TYR A 323 -18.69 -11.51 3.65
N TRP A 324 -19.26 -12.06 2.57
CA TRP A 324 -20.72 -12.24 2.52
C TRP A 324 -21.14 -13.54 3.22
N MET A 325 -21.53 -13.40 4.49
CA MET A 325 -22.30 -14.39 5.25
C MET A 325 -21.66 -15.73 5.64
N SER A 326 -21.03 -16.44 4.69
CA SER A 326 -20.78 -17.87 4.85
C SER A 326 -20.00 -18.25 6.11
N ILE A 327 -19.09 -17.38 6.55
CA ILE A 327 -18.17 -17.76 7.64
C ILE A 327 -18.82 -17.73 9.03
N PHE A 328 -20.02 -17.15 9.13
CA PHE A 328 -20.64 -16.89 10.44
C PHE A 328 -22.15 -16.85 10.24
N ASP A 329 -22.78 -18.02 10.18
CA ASP A 329 -24.10 -18.13 9.60
C ASP A 329 -25.09 -18.93 10.44
N GLY A 330 -26.34 -18.49 10.41
CA GLY A 330 -27.44 -19.22 11.03
C GLY A 330 -27.24 -19.51 12.49
N SER A 331 -27.48 -20.76 12.88
CA SER A 331 -27.37 -21.18 14.27
C SER A 331 -25.96 -20.98 14.86
N ASP A 332 -24.94 -21.03 14.02
CA ASP A 332 -23.59 -20.74 14.49
C ASP A 332 -23.47 -19.34 15.10
N ARG A 333 -24.31 -18.40 14.66
CA ARG A 333 -24.25 -17.05 15.20
C ARG A 333 -24.62 -17.04 16.69
N ILE A 334 -25.47 -17.97 17.10
CA ILE A 334 -26.01 -17.98 18.47
C ILE A 334 -25.03 -18.59 19.45
N GLN A 335 -24.11 -19.42 18.96
CA GLN A 335 -23.21 -20.14 19.87
C GLN A 335 -22.38 -19.19 20.75
N PRO A 336 -21.62 -18.24 20.17
CA PRO A 336 -21.30 -17.95 18.77
C PRO A 336 -20.04 -18.71 18.38
N GLN A 337 -19.97 -19.14 17.13
CA GLN A 337 -18.77 -19.80 16.63
C GLN A 337 -18.73 -19.59 15.13
N TRP A 338 -17.54 -19.71 14.55
CA TRP A 338 -17.41 -19.66 13.10
C TRP A 338 -18.08 -20.85 12.41
N SER A 339 -18.75 -20.59 11.29
CA SER A 339 -19.26 -21.67 10.46
C SER A 339 -18.16 -22.35 9.66
N LEU A 340 -17.18 -21.54 9.27
CA LEU A 340 -16.11 -22.02 8.41
C LEU A 340 -14.78 -21.63 9.01
N PRO A 341 -14.39 -22.34 10.10
CA PRO A 341 -13.18 -21.93 10.82
C PRO A 341 -11.90 -21.89 9.99
N THR A 342 -11.75 -22.77 8.98
CA THR A 342 -10.50 -22.78 8.21
C THR A 342 -10.45 -21.62 7.21
N VAL A 343 -11.61 -21.18 6.75
CA VAL A 343 -11.68 -20.00 5.90
C VAL A 343 -11.25 -18.77 6.70
N VAL A 344 -11.82 -18.63 7.90
CA VAL A 344 -11.46 -17.52 8.78
C VAL A 344 -9.98 -17.55 9.16
N GLU A 345 -9.47 -18.74 9.49
CA GLU A 345 -8.03 -18.84 9.80
C GLU A 345 -7.18 -18.41 8.60
N ALA A 346 -7.58 -18.76 7.38
CA ALA A 346 -6.80 -18.32 6.21
C ALA A 346 -6.85 -16.80 6.06
N MET A 347 -8.00 -16.20 6.36
CA MET A 347 -8.13 -14.74 6.30
C MET A 347 -7.28 -14.04 7.35
N GLN A 348 -7.26 -14.58 8.56
CA GLN A 348 -6.52 -13.99 9.66
C GLN A 348 -5.02 -14.00 9.33
N GLU A 349 -4.56 -15.14 8.82
CA GLU A 349 -3.14 -15.30 8.48
C GLU A 349 -2.74 -14.36 7.35
N ALA A 350 -3.61 -14.24 6.35
CA ALA A 350 -3.33 -13.38 5.20
C ALA A 350 -3.29 -11.92 5.61
N TYR A 351 -4.14 -11.51 6.53
CA TYR A 351 -4.20 -10.10 6.89
C TYR A 351 -3.04 -9.74 7.82
N ASN A 352 -2.70 -10.65 8.73
CA ASN A 352 -1.70 -10.36 9.74
C ASN A 352 -0.32 -10.87 9.37
N THR B 7 15.09 -6.63 21.99
CA THR B 7 14.58 -5.37 21.47
C THR B 7 14.57 -5.38 19.95
N TYR B 8 15.18 -6.41 19.37
CA TYR B 8 15.09 -6.67 17.93
C TYR B 8 13.69 -7.20 17.62
N MET B 9 13.13 -6.78 16.48
CA MET B 9 11.86 -7.30 16.03
C MET B 9 11.96 -7.62 14.55
N GLU B 10 12.03 -8.91 14.22
CA GLU B 10 12.18 -9.34 12.84
C GLU B 10 11.08 -8.75 11.95
N GLU B 11 11.46 -8.31 10.76
CA GLU B 11 10.55 -7.65 9.85
C GLU B 11 10.85 -8.08 8.43
N SER B 12 9.82 -8.36 7.64
CA SER B 12 10.01 -8.79 6.26
C SER B 12 10.58 -7.64 5.45
N ALA B 13 11.25 -7.97 4.35
CA ALA B 13 11.79 -6.96 3.46
C ALA B 13 10.71 -6.00 2.92
N GLN B 14 9.58 -6.54 2.47
CA GLN B 14 8.52 -5.70 1.92
C GLN B 14 7.96 -4.76 2.99
N SER B 15 7.82 -5.27 4.20
CA SER B 15 7.34 -4.45 5.31
CA SER B 15 7.34 -4.44 5.30
C SER B 15 8.30 -3.29 5.54
N ALA B 16 9.61 -3.58 5.48
CA ALA B 16 10.62 -2.54 5.68
C ALA B 16 10.49 -1.47 4.63
N VAL B 17 10.46 -1.90 3.37
CA VAL B 17 10.36 -1.01 2.23
C VAL B 17 9.12 -0.13 2.31
N ASP B 18 7.99 -0.71 2.72
CA ASP B 18 6.74 0.04 2.90
C ASP B 18 6.84 1.10 4.02
N ASN B 19 7.69 0.84 5.01
CA ASN B 19 7.85 1.78 6.12
C ASN B 19 8.95 2.84 5.90
N PHE B 20 9.76 2.65 4.85
CA PHE B 20 10.84 3.58 4.53
C PHE B 20 10.31 4.98 4.34
N GLY B 21 9.13 5.10 3.71
CA GLY B 21 8.57 6.40 3.39
C GLY B 21 9.49 7.20 2.48
N LEU B 22 9.60 8.49 2.72
CA LEU B 22 10.54 9.30 1.96
C LEU B 22 11.96 9.06 2.47
N GLY B 23 12.89 8.78 1.54
CA GLY B 23 14.28 8.52 1.89
C GLY B 23 15.23 9.55 1.35
N PHE B 24 16.41 9.64 1.97
CA PHE B 24 17.45 10.59 1.58
C PHE B 24 18.83 9.96 1.65
N ASN B 25 19.70 10.33 0.71
CA ASN B 25 21.10 9.90 0.69
C ASN B 25 22.02 10.91 1.34
N LEU B 26 22.71 10.50 2.40
CA LEU B 26 23.76 11.32 2.99
C LEU B 26 25.01 11.24 2.10
N GLY B 27 24.92 11.75 0.88
CA GLY B 27 25.97 11.56 -0.11
C GLY B 27 27.19 12.46 0.02
N ASN B 28 28.28 12.06 -0.64
CA ASN B 28 29.56 12.77 -0.59
C ASN B 28 30.04 13.02 0.83
N THR B 29 29.73 12.08 1.73
CA THR B 29 30.05 12.22 3.14
C THR B 29 30.98 11.06 3.52
N LEU B 30 30.47 9.95 4.07
CA LEU B 30 31.38 8.86 4.40
C LEU B 30 31.88 8.15 3.13
N ASP B 31 31.28 8.49 1.99
CA ASP B 31 31.72 7.93 0.73
C ASP B 31 32.86 8.74 0.10
N ALA B 32 33.09 9.95 0.62
CA ALA B 32 34.15 10.81 0.07
C ALA B 32 35.49 10.10 0.20
N ASN B 33 36.36 10.27 -0.80
CA ASN B 33 37.63 9.53 -0.81
C ASN B 33 38.63 10.16 -1.76
N GLY B 34 39.91 9.86 -1.55
CA GLY B 34 40.93 10.32 -2.48
C GLY B 34 42.01 11.15 -1.81
N CYS B 35 41.89 11.38 -0.51
CA CYS B 35 42.90 12.17 0.20
C CYS B 35 44.07 11.32 0.71
N GLY B 36 43.94 10.00 0.69
CA GLY B 36 45.01 9.14 1.16
C GLY B 36 44.67 8.45 2.47
N THR B 37 45.55 7.56 2.92
CA THR B 37 45.28 6.77 4.11
C THR B 37 45.80 7.48 5.36
N GLY B 38 45.37 7.02 6.53
CA GLY B 38 45.86 7.46 7.82
C GLY B 38 45.39 8.82 8.34
N LYS B 39 44.55 9.53 7.57
CA LYS B 39 44.14 10.88 7.91
C LYS B 39 43.14 10.87 9.07
N PRO B 40 42.96 12.03 9.73
CA PRO B 40 41.91 12.09 10.75
C PRO B 40 40.54 11.81 10.11
N VAL B 41 39.63 11.19 10.85
CA VAL B 41 38.33 10.82 10.30
C VAL B 41 37.63 12.02 9.67
N ALA B 42 37.67 13.18 10.35
CA ALA B 42 37.01 14.39 9.86
C ALA B 42 37.53 14.86 8.50
N THR B 43 38.79 14.59 8.22
CA THR B 43 39.38 14.95 6.94
C THR B 43 38.66 14.23 5.78
N TYR B 44 38.37 12.94 5.97
CA TYR B 44 37.58 12.20 5.00
C TYR B 44 36.15 12.72 4.90
N GLU B 45 35.50 12.85 6.06
CA GLU B 45 34.08 13.18 6.08
C GLU B 45 33.80 14.51 5.39
N THR B 46 34.76 15.41 5.45
CA THR B 46 34.59 16.75 4.87
C THR B 46 35.35 16.94 3.56
N PHE B 47 35.95 15.86 3.06
CA PHE B 47 36.84 15.96 1.90
C PHE B 47 36.13 16.40 0.62
N TRP B 48 34.82 16.13 0.53
CA TRP B 48 34.07 16.50 -0.68
C TRP B 48 33.05 17.59 -0.41
N GLY B 49 33.31 18.41 0.61
CA GLY B 49 32.55 19.62 0.80
C GLY B 49 31.32 19.55 1.69
N GLN B 50 31.07 18.40 2.33
CA GLN B 50 29.96 18.30 3.28
C GLN B 50 30.46 18.50 4.72
N PRO B 51 29.59 19.02 5.60
CA PRO B 51 29.93 19.17 7.02
C PRO B 51 29.94 17.84 7.74
N GLU B 52 30.65 17.77 8.87
CA GLU B 52 30.57 16.58 9.71
C GLU B 52 29.15 16.33 10.14
N THR B 53 28.73 15.07 10.05
CA THR B 53 27.35 14.69 10.37
C THR B 53 27.07 14.84 11.86
N THR B 54 25.86 15.31 12.18
CA THR B 54 25.42 15.49 13.54
C THR B 54 24.08 14.82 13.82
N GLN B 55 23.79 14.56 15.10
CA GLN B 55 22.51 14.02 15.49
C GLN B 55 21.35 14.89 15.01
N ASP B 56 21.54 16.20 15.06
CA ASP B 56 20.53 17.18 14.64
C ASP B 56 20.06 16.96 13.20
N MET B 57 20.96 16.52 12.33
CA MET B 57 20.63 16.27 10.94
C MET B 57 19.64 15.11 10.79
N MET B 58 19.88 14.02 11.51
CA MET B 58 19.01 12.86 11.40
C MET B 58 17.65 13.18 12.02
N THR B 59 17.68 13.90 13.13
CA THR B 59 16.44 14.34 13.78
C THR B 59 15.65 15.23 12.84
N PHE B 60 16.37 16.12 12.15
CA PHE B 60 15.73 17.02 11.22
C PHE B 60 15.02 16.26 10.11
N LEU B 61 15.66 15.23 9.59
CA LEU B 61 15.04 14.44 8.52
C LEU B 61 13.76 13.80 9.00
N MET B 62 13.85 13.08 10.10
CA MET B 62 12.67 12.42 10.61
C MET B 62 11.52 13.39 10.96
N GLN B 63 11.83 14.53 11.57
CA GLN B 63 10.78 15.44 12.04
C GLN B 63 10.18 16.24 10.88
N ASN B 64 10.75 16.04 9.70
CA ASN B 64 10.22 16.68 8.49
C ASN B 64 9.80 15.70 7.38
N GLY B 65 9.24 14.56 7.78
CA GLY B 65 8.51 13.69 6.86
C GLY B 65 9.31 12.60 6.18
N PHE B 66 10.58 12.43 6.57
CA PHE B 66 11.41 11.36 6.04
C PHE B 66 11.58 10.27 7.06
N ASN B 67 11.60 9.02 6.62
CA ASN B 67 11.84 7.95 7.58
CA ASN B 67 11.77 7.90 7.54
C ASN B 67 12.92 6.96 7.19
N ALA B 68 13.74 7.33 6.21
CA ALA B 68 14.89 6.47 5.88
C ALA B 68 16.05 7.26 5.32
N VAL B 69 17.26 6.87 5.71
CA VAL B 69 18.45 7.52 5.23
C VAL B 69 19.43 6.49 4.72
N ARG B 70 19.98 6.73 3.53
CA ARG B 70 21.05 5.88 3.02
C ARG B 70 22.39 6.55 3.32
N ILE B 71 23.29 5.78 3.92
CA ILE B 71 24.60 6.27 4.36
C ILE B 71 25.69 5.61 3.53
N PRO B 72 26.03 6.19 2.37
CA PRO B 72 27.10 5.60 1.55
C PRO B 72 28.40 5.63 2.33
N VAL B 73 29.15 4.54 2.30
CA VAL B 73 30.48 4.52 2.93
C VAL B 73 31.45 3.91 1.93
N THR B 74 32.58 4.59 1.73
CA THR B 74 33.70 4.09 0.94
C THR B 74 34.79 3.66 1.89
N TRP B 75 35.32 2.45 1.71
CA TRP B 75 36.11 1.79 2.76
C TRP B 75 37.60 1.67 2.50
N TYR B 76 38.00 1.68 1.23
CA TYR B 76 39.36 1.25 0.88
C TYR B 76 40.48 2.07 1.53
N GLU B 77 40.27 3.38 1.69
CA GLU B 77 41.31 4.20 2.32
C GLU B 77 41.36 3.98 3.84
N HIS B 78 40.44 3.15 4.36
CA HIS B 78 40.36 2.85 5.79
C HIS B 78 40.71 1.40 6.08
N MET B 79 41.25 0.72 5.07
CA MET B 79 41.65 -0.67 5.22
C MET B 79 43.16 -0.81 5.06
N ASP B 80 43.77 -1.60 5.92
CA ASP B 80 45.21 -1.82 5.82
C ASP B 80 45.49 -2.95 4.83
N ALA B 81 46.74 -3.36 4.73
CA ALA B 81 47.12 -4.37 3.75
C ALA B 81 46.42 -5.70 3.98
N GLU B 82 46.01 -5.97 5.22
CA GLU B 82 45.34 -7.22 5.55
C GLU B 82 43.83 -7.09 5.50
N GLY B 83 43.35 -5.94 5.08
CA GLY B 83 41.92 -5.71 4.95
C GLY B 83 41.21 -5.35 6.25
N ASN B 84 41.96 -5.08 7.30
CA ASN B 84 41.36 -4.64 8.56
C ASN B 84 40.91 -3.17 8.50
N VAL B 85 39.69 -2.90 8.95
CA VAL B 85 39.22 -1.53 8.89
C VAL B 85 39.75 -0.75 10.09
N ASP B 86 40.29 0.44 9.86
CA ASP B 86 40.75 1.29 10.95
CA ASP B 86 40.75 1.30 10.95
C ASP B 86 39.65 1.45 12.00
N GLU B 87 40.04 1.30 13.27
CA GLU B 87 39.07 1.41 14.36
C GLU B 87 38.41 2.79 14.46
N ALA B 88 39.15 3.87 14.25
CA ALA B 88 38.57 5.20 14.32
C ALA B 88 37.47 5.39 13.27
N TRP B 89 37.71 4.84 12.09
CA TRP B 89 36.74 4.96 11.01
C TRP B 89 35.47 4.17 11.31
N MET B 90 35.62 2.92 11.72
CA MET B 90 34.46 2.09 12.04
C MET B 90 33.62 2.71 13.15
N MET B 91 34.27 3.29 14.16
CA MET B 91 33.52 3.94 15.24
C MET B 91 32.74 5.15 14.75
N ARG B 92 33.25 5.84 13.73
CA ARG B 92 32.54 6.99 13.19
C ARG B 92 31.34 6.57 12.36
N VAL B 93 31.52 5.52 11.55
CA VAL B 93 30.40 4.95 10.81
C VAL B 93 29.31 4.54 11.80
N LYS B 94 29.73 3.83 12.83
CA LYS B 94 28.82 3.39 13.89
C LYS B 94 28.09 4.56 14.55
N ALA B 95 28.80 5.66 14.76
CA ALA B 95 28.25 6.84 15.40
C ALA B 95 27.14 7.47 14.57
N ILE B 96 27.36 7.54 13.26
CA ILE B 96 26.37 8.14 12.37
C ILE B 96 25.19 7.20 12.20
N VAL B 97 25.47 5.90 12.21
CA VAL B 97 24.40 4.92 12.21
C VAL B 97 23.51 5.15 13.43
N GLU B 98 24.15 5.40 14.57
CA GLU B 98 23.42 5.58 15.81
CA GLU B 98 23.42 5.58 15.81
C GLU B 98 22.57 6.85 15.79
N TYR B 99 23.08 7.92 15.16
CA TYR B 99 22.29 9.14 14.97
C TYR B 99 20.96 8.79 14.31
N ALA B 100 21.03 7.99 13.25
CA ALA B 100 19.82 7.59 12.50
C ALA B 100 18.93 6.70 13.36
N MET B 101 19.52 5.73 14.05
CA MET B 101 18.74 4.83 14.88
C MET B 101 18.04 5.61 15.98
N ASN B 102 18.78 6.51 16.63
CA ASN B 102 18.24 7.34 17.71
C ASN B 102 17.05 8.20 17.27
N ALA B 103 17.10 8.64 16.02
CA ALA B 103 16.04 9.49 15.47
C ALA B 103 14.84 8.65 15.04
N GLY B 104 15.01 7.34 15.01
CA GLY B 104 13.91 6.46 14.65
C GLY B 104 13.81 6.24 13.16
N LEU B 105 14.89 6.53 12.46
CA LEU B 105 14.93 6.32 11.01
C LEU B 105 15.29 4.89 10.68
N TYR B 106 14.90 4.46 9.47
CA TYR B 106 15.58 3.33 8.84
C TYR B 106 16.90 3.87 8.29
N ALA B 107 17.93 3.01 8.28
CA ALA B 107 19.21 3.40 7.71
C ALA B 107 19.80 2.28 6.88
N ILE B 108 20.50 2.65 5.82
CA ILE B 108 21.26 1.71 5.01
C ILE B 108 22.75 2.06 5.05
N VAL B 109 23.60 1.08 5.36
CA VAL B 109 25.05 1.24 5.21
C VAL B 109 25.52 0.37 4.06
N ASN B 110 26.33 0.93 3.15
CA ASN B 110 26.81 0.14 2.03
C ASN B 110 28.31 0.12 1.87
N VAL B 111 28.73 -0.42 0.73
CA VAL B 111 30.11 -0.31 0.26
C VAL B 111 30.04 0.48 -1.04
N HIS B 112 30.56 1.71 -1.02
CA HIS B 112 30.21 2.64 -2.09
C HIS B 112 31.30 2.78 -3.16
N HIS B 113 32.21 3.74 -3.02
CA HIS B 113 33.15 3.99 -4.11
C HIS B 113 34.31 3.00 -4.13
N ASP B 114 34.19 1.95 -3.33
CA ASP B 114 34.96 0.73 -3.54
C ASP B 114 34.56 0.04 -4.84
N THR B 115 33.43 0.45 -5.40
CA THR B 115 32.99 0.07 -6.74
C THR B 115 33.04 1.22 -7.73
N ALA B 116 32.99 0.86 -9.02
CA ALA B 116 32.79 1.72 -10.21
C ALA B 116 34.13 2.23 -10.75
N ALA B 117 34.12 3.45 -11.27
CA ALA B 117 35.17 3.89 -12.20
C ALA B 117 36.28 4.71 -11.57
N GLY B 118 36.14 5.04 -10.29
CA GLY B 118 37.09 5.91 -9.61
C GLY B 118 38.36 5.19 -9.22
N SER B 119 39.43 5.96 -9.01
CA SER B 119 40.66 5.33 -8.58
C SER B 119 40.42 4.80 -7.16
N GLY B 120 41.04 3.67 -6.86
CA GLY B 120 40.80 3.01 -5.59
C GLY B 120 39.70 1.96 -5.61
N ALA B 121 38.81 2.02 -6.59
CA ALA B 121 37.78 0.98 -6.69
C ALA B 121 38.42 -0.38 -6.91
N TRP B 122 37.94 -1.40 -6.21
CA TRP B 122 38.56 -2.72 -6.28
C TRP B 122 37.55 -3.86 -6.44
N ILE B 123 36.27 -3.56 -6.30
CA ILE B 123 35.19 -4.54 -6.49
C ILE B 123 34.61 -4.36 -7.88
N LYS B 124 34.74 -5.39 -8.72
CA LYS B 124 34.36 -5.26 -10.12
C LYS B 124 33.71 -6.53 -10.65
N ALA B 125 32.76 -6.34 -11.56
CA ALA B 125 32.07 -7.45 -12.20
C ALA B 125 32.98 -8.05 -13.26
N ASP B 126 33.98 -8.81 -12.79
CA ASP B 126 35.03 -9.38 -13.63
C ASP B 126 35.51 -10.65 -12.93
N THR B 127 35.67 -11.73 -13.70
CA THR B 127 36.01 -13.01 -13.11
CA THR B 127 36.06 -13.03 -13.18
C THR B 127 37.36 -12.97 -12.38
N ASP B 128 38.35 -12.28 -12.93
CA ASP B 128 39.67 -12.23 -12.31
C ASP B 128 39.69 -11.34 -11.08
N VAL B 129 38.99 -10.21 -11.14
CA VAL B 129 38.89 -9.32 -10.01
C VAL B 129 38.20 -10.01 -8.84
N TYR B 130 37.10 -10.69 -9.14
CA TYR B 130 36.35 -11.42 -8.13
C TYR B 130 37.24 -12.44 -7.41
N ALA B 131 37.94 -13.27 -8.18
CA ALA B 131 38.81 -14.27 -7.59
C ALA B 131 39.86 -13.62 -6.68
N ALA B 132 40.42 -12.51 -7.13
CA ALA B 132 41.51 -11.87 -6.41
C ALA B 132 41.03 -11.10 -5.19
N THR B 133 39.74 -10.79 -5.13
CA THR B 133 39.19 -9.92 -4.08
C THR B 133 38.07 -10.53 -3.19
N LYS B 134 37.59 -11.72 -3.52
CA LYS B 134 36.43 -12.27 -2.81
C LYS B 134 36.69 -12.46 -1.31
N GLU B 135 37.91 -12.86 -0.96
CA GLU B 135 38.29 -13.03 0.44
C GLU B 135 38.30 -11.70 1.18
N LYS B 136 38.87 -10.68 0.55
CA LYS B 136 38.89 -9.34 1.12
C LYS B 136 37.47 -8.81 1.30
N PHE B 137 36.63 -9.04 0.30
CA PHE B 137 35.24 -8.62 0.35
C PHE B 137 34.46 -9.26 1.50
N LYS B 138 34.61 -10.56 1.67
CA LYS B 138 33.96 -11.25 2.78
C LYS B 138 34.48 -10.77 4.14
N LYS B 139 35.79 -10.52 4.22
CA LYS B 139 36.37 -10.07 5.48
C LYS B 139 35.89 -8.65 5.82
N LEU B 140 35.76 -7.82 4.80
CA LEU B 140 35.19 -6.49 5.00
C LEU B 140 33.78 -6.61 5.56
N TRP B 141 32.93 -7.41 4.92
CA TRP B 141 31.54 -7.48 5.37
C TRP B 141 31.41 -8.16 6.71
N THR B 142 32.31 -9.08 7.02
CA THR B 142 32.34 -9.70 8.34
C THR B 142 32.59 -8.62 9.40
N GLN B 143 33.55 -7.75 9.12
CA GLN B 143 33.87 -6.65 10.03
C GLN B 143 32.71 -5.66 10.20
N ILE B 144 32.13 -5.23 9.08
CA ILE B 144 30.98 -4.33 9.15
C ILE B 144 29.81 -4.95 9.91
N ALA B 145 29.45 -6.18 9.54
CA ALA B 145 28.33 -6.86 10.18
C ALA B 145 28.53 -7.00 11.69
N ASN B 146 29.72 -7.43 12.11
CA ASN B 146 29.98 -7.56 13.52
C ASN B 146 29.94 -6.24 14.26
N ALA B 147 30.49 -5.20 13.63
CA ALA B 147 30.54 -3.88 14.25
C ALA B 147 29.14 -3.30 14.45
N LEU B 148 28.24 -3.59 13.52
CA LEU B 148 26.90 -3.02 13.56
C LEU B 148 25.84 -4.05 13.98
N ALA B 149 26.28 -5.20 14.49
CA ALA B 149 25.40 -6.34 14.78
C ALA B 149 24.25 -6.05 15.75
N ASP B 150 24.48 -5.16 16.72
CA ASP B 150 23.52 -4.98 17.80
C ASP B 150 22.38 -4.02 17.46
N TYR B 151 22.47 -3.30 16.35
CA TYR B 151 21.39 -2.41 15.96
C TYR B 151 20.21 -3.23 15.47
N ASP B 152 18.99 -2.72 15.65
CA ASP B 152 17.78 -3.48 15.38
C ASP B 152 17.42 -3.49 13.90
N GLN B 153 16.17 -3.86 13.60
CA GLN B 153 15.73 -4.10 12.23
C GLN B 153 15.68 -2.85 11.36
N HIS B 154 15.81 -1.68 11.96
CA HIS B 154 15.80 -0.44 11.19
C HIS B 154 17.09 -0.20 10.41
N LEU B 155 18.14 -0.94 10.76
CA LEU B 155 19.41 -0.87 10.04
C LEU B 155 19.53 -1.97 8.99
N LEU B 156 19.79 -1.58 7.75
CA LEU B 156 19.99 -2.52 6.66
C LEU B 156 21.41 -2.41 6.12
N PHE B 157 21.91 -3.50 5.53
CA PHE B 157 23.21 -3.50 4.84
C PHE B 157 23.00 -3.64 3.34
N GLU B 158 23.78 -2.89 2.58
CA GLU B 158 23.78 -2.97 1.13
C GLU B 158 25.17 -3.42 0.68
N GLY B 159 25.26 -4.57 0.03
CA GLY B 159 26.53 -5.20 -0.28
C GLY B 159 27.55 -4.40 -1.09
N TYR B 160 27.06 -3.65 -2.08
CA TYR B 160 27.93 -2.92 -3.01
C TYR B 160 27.05 -1.93 -3.79
N ASN B 161 27.61 -0.78 -4.13
CA ASN B 161 26.86 0.30 -4.76
C ASN B 161 26.69 0.13 -6.28
N GLU B 162 27.80 0.28 -7.01
CA GLU B 162 27.75 0.52 -8.45
C GLU B 162 28.79 -0.34 -9.17
N MET B 163 28.57 -1.66 -9.14
CA MET B 163 29.55 -2.56 -9.70
C MET B 163 29.56 -2.52 -11.21
N LEU B 164 30.75 -2.29 -11.76
CA LEU B 164 31.00 -2.30 -13.20
C LEU B 164 32.04 -3.35 -13.55
N ASP B 165 32.16 -3.69 -14.83
CA ASP B 165 33.23 -4.58 -15.28
C ASP B 165 34.55 -3.81 -15.36
N GLY B 166 35.57 -4.46 -15.92
CA GLY B 166 36.90 -3.89 -15.99
C GLY B 166 37.03 -2.83 -17.06
N ASN B 167 35.96 -2.68 -17.84
CA ASN B 167 35.89 -1.63 -18.85
C ASN B 167 35.13 -0.41 -18.34
N ASN B 168 34.63 -0.49 -17.12
CA ASN B 168 33.72 0.52 -16.57
C ASN B 168 32.52 0.74 -17.51
N SER B 169 31.95 -0.35 -18.01
CA SER B 169 30.78 -0.26 -18.91
C SER B 169 29.54 0.08 -18.11
N TRP B 170 28.90 1.21 -18.42
CA TRP B 170 27.79 1.69 -17.61
C TRP B 170 26.43 1.05 -17.93
N ASP B 171 26.35 0.32 -19.02
CA ASP B 171 25.07 -0.31 -19.36
C ASP B 171 25.01 -1.78 -18.97
N GLU B 172 25.98 -2.55 -19.46
CA GLU B 172 26.06 -4.00 -19.27
C GLU B 172 27.53 -4.37 -19.27
N PRO B 173 27.88 -5.50 -18.62
CA PRO B 173 29.28 -5.93 -18.80
C PRO B 173 29.51 -6.31 -20.25
N GLN B 174 30.73 -6.13 -20.74
CA GLN B 174 31.03 -6.44 -22.12
C GLN B 174 31.10 -7.96 -22.29
N LYS B 175 31.37 -8.67 -21.19
CA LYS B 175 31.32 -10.12 -21.20
C LYS B 175 30.31 -10.65 -20.16
N ALA B 176 29.56 -11.66 -20.56
CA ALA B 176 28.49 -12.22 -19.72
C ALA B 176 29.06 -12.73 -18.40
N SER B 177 30.31 -13.17 -18.46
CA SER B 177 31.00 -13.64 -17.26
CA SER B 177 31.12 -13.57 -17.32
C SER B 177 31.01 -12.58 -16.16
N GLY B 178 30.87 -11.31 -16.51
CA GLY B 178 30.77 -10.26 -15.53
C GLY B 178 29.57 -10.46 -14.61
N TYR B 179 28.45 -10.89 -15.17
CA TYR B 179 27.25 -11.13 -14.38
C TYR B 179 27.47 -12.21 -13.33
N GLU B 180 28.18 -13.29 -13.66
CA GLU B 180 28.39 -14.35 -12.67
C GLU B 180 29.28 -13.83 -11.54
N ALA B 181 30.24 -12.96 -11.89
CA ALA B 181 31.10 -12.35 -10.89
C ALA B 181 30.24 -11.50 -9.92
N LEU B 182 29.40 -10.64 -10.49
CA LEU B 182 28.53 -9.82 -9.65
C LEU B 182 27.65 -10.69 -8.78
N ASN B 183 27.02 -11.70 -9.40
CA ASN B 183 26.14 -12.58 -8.63
C ASN B 183 26.89 -13.30 -7.52
N ASN B 184 28.14 -13.69 -7.79
CA ASN B 184 28.96 -14.32 -6.75
C ASN B 184 29.25 -13.40 -5.59
N TYR B 185 29.60 -12.15 -5.88
CA TYR B 185 29.78 -11.14 -4.85
C TYR B 185 28.52 -11.01 -4.00
N ALA B 186 27.36 -10.88 -4.65
CA ALA B 186 26.11 -10.72 -3.93
C ALA B 186 25.90 -11.88 -2.98
N GLN B 187 26.16 -13.09 -3.46
CA GLN B 187 26.00 -14.29 -2.64
C GLN B 187 26.99 -14.29 -1.46
N ASP B 188 28.24 -13.90 -1.72
CA ASP B 188 29.24 -13.84 -0.66
C ASP B 188 28.87 -12.82 0.40
N PHE B 189 28.27 -11.72 -0.04
CA PHE B 189 27.83 -10.66 0.87
C PHE B 189 26.78 -11.22 1.81
N VAL B 190 25.71 -11.79 1.25
CA VAL B 190 24.66 -12.37 2.09
C VAL B 190 25.26 -13.41 3.03
N ASP B 191 26.08 -14.32 2.49
CA ASP B 191 26.67 -15.41 3.27
C ASP B 191 27.46 -14.89 4.45
N ALA B 192 28.32 -13.90 4.19
CA ALA B 192 29.21 -13.36 5.21
C ALA B 192 28.41 -12.65 6.30
N VAL B 193 27.36 -11.95 5.89
CA VAL B 193 26.55 -11.23 6.88
C VAL B 193 25.80 -12.22 7.76
N ARG B 194 25.10 -13.16 7.14
CA ARG B 194 24.29 -14.14 7.88
C ARG B 194 25.14 -14.94 8.84
N ALA B 195 26.37 -15.26 8.45
CA ALA B 195 27.25 -16.10 9.26
C ALA B 195 27.61 -15.48 10.61
N THR B 196 27.46 -14.16 10.75
CA THR B 196 27.81 -13.53 12.03
C THR B 196 26.70 -13.71 13.06
N GLY B 197 25.53 -14.14 12.61
CA GLY B 197 24.42 -14.46 13.50
C GLY B 197 23.77 -13.29 14.22
N GLY B 198 23.17 -13.56 15.38
CA GLY B 198 22.47 -12.53 16.12
C GLY B 198 21.41 -11.88 15.26
N ASN B 199 21.26 -10.56 15.36
CA ASN B 199 20.29 -9.85 14.52
C ASN B 199 20.61 -10.01 13.03
N ASN B 200 21.89 -10.18 12.72
CA ASN B 200 22.32 -10.33 11.33
C ASN B 200 21.79 -11.59 10.65
N ALA B 201 21.25 -12.51 11.45
CA ALA B 201 20.66 -13.73 10.90
C ALA B 201 19.37 -13.43 10.13
N THR B 202 18.65 -12.40 10.52
CA THR B 202 17.39 -12.10 9.84
C THR B 202 17.30 -10.65 9.38
N ARG B 203 18.42 -9.91 9.49
CA ARG B 203 18.42 -8.51 9.05
C ARG B 203 18.09 -8.39 7.56
N ASN B 204 17.36 -7.34 7.20
CA ASN B 204 17.07 -7.13 5.80
C ASN B 204 18.30 -6.59 5.06
N LEU B 205 18.63 -7.23 3.95
CA LEU B 205 19.82 -6.93 3.15
C LEU B 205 19.45 -6.49 1.74
N ILE B 206 20.30 -5.64 1.16
CA ILE B 206 20.04 -5.06 -0.14
C ILE B 206 21.13 -5.44 -1.14
N VAL B 207 20.73 -5.95 -2.29
CA VAL B 207 21.69 -6.26 -3.35
C VAL B 207 21.37 -5.46 -4.60
N ASN B 208 22.41 -4.94 -5.23
CA ASN B 208 22.20 -4.03 -6.36
C ASN B 208 22.42 -4.74 -7.69
N THR B 209 21.69 -4.30 -8.70
CA THR B 209 21.93 -4.78 -10.06
C THR B 209 23.28 -4.28 -10.59
N TYR B 210 23.74 -4.85 -11.69
CA TYR B 210 24.92 -4.31 -12.36
C TYR B 210 24.78 -2.82 -12.66
N ALA B 211 25.80 -2.05 -12.26
CA ALA B 211 25.83 -0.58 -12.43
C ALA B 211 24.64 0.14 -11.78
N ALA B 212 23.89 -0.58 -10.95
CA ALA B 212 22.62 -0.08 -10.43
C ALA B 212 21.70 0.33 -11.58
N ALA B 213 21.87 -0.36 -12.70
CA ALA B 213 21.12 -0.10 -13.93
C ALA B 213 19.92 -1.05 -14.04
N LYS B 214 19.12 -0.90 -15.10
CA LYS B 214 17.87 -1.66 -15.19
C LYS B 214 17.43 -1.93 -16.63
N GLY B 215 18.39 -2.05 -17.53
CA GLY B 215 18.11 -2.46 -18.90
C GLY B 215 17.67 -3.91 -18.87
N GLU B 216 17.09 -4.41 -19.97
CA GLU B 216 16.49 -5.74 -19.93
C GLU B 216 17.52 -6.83 -19.67
N ASN B 217 18.71 -6.69 -20.23
CA ASN B 217 19.74 -7.69 -20.03
C ASN B 217 20.25 -7.70 -18.59
N VAL B 218 20.42 -6.52 -18.00
CA VAL B 218 20.86 -6.46 -16.62
C VAL B 218 19.80 -7.08 -15.72
N LEU B 219 18.54 -6.78 -15.98
CA LEU B 219 17.47 -7.34 -15.16
C LEU B 219 17.38 -8.86 -15.38
N ASN B 220 17.49 -9.30 -16.63
CA ASN B 220 17.41 -10.73 -16.94
C ASN B 220 18.53 -11.56 -16.34
N ASN B 221 19.74 -11.01 -16.31
CA ASN B 221 20.90 -11.73 -15.80
C ASN B 221 21.18 -11.52 -14.32
N PHE B 222 20.37 -10.69 -13.67
CA PHE B 222 20.46 -10.56 -12.23
C PHE B 222 19.88 -11.78 -11.52
N MET B 223 20.65 -12.34 -10.61
CA MET B 223 20.22 -13.49 -9.83
C MET B 223 20.22 -13.17 -8.33
N LEU B 224 19.05 -13.16 -7.69
CA LEU B 224 18.98 -12.95 -6.25
C LEU B 224 19.75 -14.04 -5.51
N PRO B 225 20.60 -13.65 -4.54
CA PRO B 225 21.34 -14.65 -3.76
C PRO B 225 20.41 -15.62 -3.06
N THR B 226 20.86 -16.85 -2.80
CA THR B 226 20.08 -17.79 -2.02
C THR B 226 20.19 -17.39 -0.55
N ASP B 227 19.10 -17.50 0.20
CA ASP B 227 19.08 -17.06 1.59
C ASP B 227 18.32 -18.10 2.43
N ALA B 228 18.90 -18.48 3.57
CA ALA B 228 18.35 -19.55 4.40
C ALA B 228 17.05 -19.10 5.06
N VAL B 229 16.92 -17.80 5.30
CA VAL B 229 15.69 -17.23 5.85
C VAL B 229 14.85 -16.65 4.72
N ASN B 230 13.61 -16.31 4.98
CA ASN B 230 12.76 -15.87 3.89
C ASN B 230 12.41 -14.40 3.97
N ASN B 231 12.25 -13.79 2.80
CA ASN B 231 11.79 -12.42 2.67
C ASN B 231 12.63 -11.40 3.43
N HIS B 232 13.94 -11.52 3.35
CA HIS B 232 14.83 -10.53 3.95
C HIS B 232 15.86 -9.99 2.95
N LEU B 233 15.50 -10.01 1.66
CA LEU B 233 16.35 -9.42 0.62
C LEU B 233 15.58 -8.37 -0.16
N ILE B 234 16.29 -7.30 -0.50
CA ILE B 234 15.75 -6.21 -1.31
C ILE B 234 16.68 -5.97 -2.49
N VAL B 235 16.12 -5.74 -3.67
CA VAL B 235 16.93 -5.39 -4.83
C VAL B 235 16.96 -3.87 -5.00
N GLN B 236 18.13 -3.32 -5.34
CA GLN B 236 18.25 -1.88 -5.53
C GLN B 236 18.70 -1.50 -6.94
N VAL B 237 18.08 -0.47 -7.50
CA VAL B 237 18.57 0.18 -8.71
C VAL B 237 18.61 1.69 -8.44
N HIS B 238 19.26 2.43 -9.32
CA HIS B 238 19.23 3.90 -9.28
C HIS B 238 18.47 4.44 -10.47
N SER B 239 18.02 5.68 -10.37
CA SER B 239 17.20 6.25 -11.43
C SER B 239 17.43 7.75 -11.59
N TYR B 240 18.35 8.13 -12.45
CA TYR B 240 18.48 9.54 -12.81
C TYR B 240 17.80 9.70 -14.16
N ASP B 241 16.53 9.35 -14.18
CA ASP B 241 15.75 9.23 -15.41
C ASP B 241 14.69 10.33 -15.57
N PRO B 242 14.39 10.73 -16.82
CA PRO B 242 15.05 10.35 -18.07
C PRO B 242 16.48 10.86 -18.08
N TRP B 243 17.43 10.08 -18.60
CA TRP B 243 18.82 10.48 -18.54
C TRP B 243 19.03 11.87 -19.14
N ASN B 244 19.69 12.72 -18.37
CA ASN B 244 20.06 14.09 -18.73
C ASN B 244 18.86 15.03 -18.95
N PHE B 245 17.71 14.64 -18.42
CA PHE B 245 16.50 15.45 -18.56
C PHE B 245 16.66 16.86 -17.99
N PHE B 246 17.46 17.00 -16.93
CA PHE B 246 17.61 18.32 -16.30
C PHE B 246 18.23 19.31 -17.27
N ASN B 247 19.01 18.81 -18.22
CA ASN B 247 19.71 19.67 -19.15
C ASN B 247 19.09 19.74 -20.54
N THR B 248 18.09 18.89 -20.81
CA THR B 248 17.47 18.89 -22.13
C THR B 248 15.99 19.22 -22.08
N LYS B 249 15.38 19.11 -20.91
CA LYS B 249 13.95 19.39 -20.79
C LYS B 249 13.69 20.72 -20.11
N THR B 250 12.62 21.38 -20.55
CA THR B 250 12.16 22.61 -19.95
C THR B 250 11.20 22.28 -18.82
N THR B 251 10.33 21.30 -19.09
CA THR B 251 9.30 20.93 -18.15
C THR B 251 9.21 19.40 -18.04
N TRP B 252 8.71 18.93 -16.90
CA TRP B 252 8.48 17.50 -16.69
C TRP B 252 7.23 17.10 -17.44
N ASP B 253 7.40 16.65 -18.68
CA ASP B 253 6.29 16.45 -19.58
C ASP B 253 5.87 14.98 -19.69
N SER B 254 4.96 14.69 -20.61
CA SER B 254 4.47 13.32 -20.78
C SER B 254 5.60 12.33 -21.05
N GLU B 255 6.62 12.76 -21.80
CA GLU B 255 7.75 11.88 -22.09
C GLU B 255 8.47 11.47 -20.80
N CYS B 256 8.70 12.45 -19.93
CA CYS B 256 9.34 12.23 -18.63
C CYS B 256 8.52 11.28 -17.77
N HIS B 257 7.23 11.57 -17.66
CA HIS B 257 6.32 10.74 -16.88
C HIS B 257 6.24 9.32 -17.42
N ASN B 258 6.13 9.19 -18.73
CA ASN B 258 6.01 7.88 -19.37
C ASN B 258 7.30 7.07 -19.17
N THR B 259 8.44 7.74 -19.19
CA THR B 259 9.71 7.08 -18.91
C THR B 259 9.67 6.45 -17.51
N LEU B 260 9.24 7.22 -16.53
CA LEU B 260 9.20 6.69 -15.16
C LEU B 260 8.18 5.57 -15.01
N THR B 261 6.99 5.71 -15.60
CA THR B 261 5.99 4.67 -15.39
C THR B 261 6.48 3.38 -16.03
N GLU B 262 7.19 3.47 -17.16
CA GLU B 262 7.74 2.29 -17.85
CA GLU B 262 7.70 2.28 -17.82
C GLU B 262 8.75 1.59 -16.96
N ILE B 263 9.58 2.39 -16.29
CA ILE B 263 10.62 1.88 -15.42
C ILE B 263 10.01 1.06 -14.30
N PHE B 264 9.03 1.63 -13.61
CA PHE B 264 8.42 0.92 -12.51
C PHE B 264 7.65 -0.31 -12.98
N SER B 265 7.03 -0.23 -14.15
CA SER B 265 6.37 -1.41 -14.71
C SER B 265 7.37 -2.53 -14.97
N ALA B 266 8.50 -2.19 -15.59
CA ALA B 266 9.51 -3.20 -15.86
C ALA B 266 10.07 -3.80 -14.58
N LEU B 267 10.33 -2.96 -13.58
CA LEU B 267 10.84 -3.46 -12.30
C LEU B 267 9.83 -4.35 -11.56
N SER B 268 8.56 -3.94 -11.53
CA SER B 268 7.54 -4.71 -10.84
C SER B 268 7.29 -6.03 -11.58
N LYS B 269 7.36 -5.99 -12.89
CA LYS B 269 7.15 -7.18 -13.69
C LYS B 269 8.31 -8.18 -13.50
N LYS B 270 9.53 -7.66 -13.39
CA LYS B 270 10.70 -8.51 -13.22
C LYS B 270 10.77 -9.16 -11.84
N PHE B 271 10.53 -8.38 -10.79
CA PHE B 271 10.80 -8.86 -9.43
C PHE B 271 9.59 -9.36 -8.65
N THR B 272 8.40 -9.09 -9.16
CA THR B 272 7.15 -9.53 -8.54
C THR B 272 7.11 -9.39 -7.01
N THR B 273 7.45 -10.47 -6.31
CA THR B 273 7.32 -10.46 -4.85
C THR B 273 8.59 -10.01 -4.14
N ILE B 274 9.67 -9.84 -4.89
CA ILE B 274 10.91 -9.38 -4.26
C ILE B 274 10.76 -7.88 -4.19
N PRO B 275 10.97 -7.30 -2.99
CA PRO B 275 10.87 -5.84 -2.98
C PRO B 275 12.06 -5.19 -3.68
N TYR B 276 11.84 -4.03 -4.28
CA TYR B 276 12.95 -3.26 -4.84
C TYR B 276 12.85 -1.80 -4.42
N ILE B 277 13.98 -1.12 -4.43
CA ILE B 277 14.02 0.30 -4.11
C ILE B 277 14.79 1.09 -5.16
N ILE B 278 14.45 2.37 -5.24
CA ILE B 278 15.22 3.33 -6.00
C ILE B 278 16.17 3.94 -4.98
N GLY B 279 17.40 3.41 -4.94
CA GLY B 279 18.36 3.76 -3.92
C GLY B 279 18.96 5.15 -4.11
N GLU B 280 18.88 5.65 -5.33
CA GLU B 280 19.29 7.01 -5.68
C GLU B 280 18.45 7.53 -6.82
N TYR B 281 18.06 8.80 -6.74
CA TYR B 281 17.49 9.49 -7.89
C TYR B 281 17.71 10.98 -7.73
N GLY B 282 17.65 11.71 -8.83
CA GLY B 282 17.90 13.14 -8.79
C GLY B 282 18.05 13.71 -10.18
N THR B 283 18.51 14.95 -10.25
CA THR B 283 18.63 15.67 -11.51
C THR B 283 19.99 15.49 -12.18
N HIS B 284 20.90 14.82 -11.51
CA HIS B 284 22.26 14.67 -12.00
C HIS B 284 22.32 14.05 -13.39
N GLY B 285 22.97 14.75 -14.31
CA GLY B 285 23.03 14.32 -15.70
C GLY B 285 24.43 14.34 -16.27
N GLU B 286 24.56 14.73 -17.54
CA GLU B 286 25.87 14.79 -18.17
C GLU B 286 26.79 15.73 -17.40
N SER B 287 28.05 15.30 -17.25
CA SER B 287 29.06 16.00 -16.43
C SER B 287 28.60 16.25 -15.00
N ASP B 288 27.69 15.40 -14.53
CA ASP B 288 27.03 15.49 -13.22
C ASP B 288 26.40 16.86 -12.89
N ILE B 289 26.00 17.59 -13.93
CA ILE B 289 25.27 18.83 -13.75
C ILE B 289 23.93 18.52 -13.08
N SER B 290 23.62 19.29 -12.05
CA SER B 290 22.45 19.03 -11.22
C SER B 290 21.88 20.31 -10.63
N VAL B 291 20.66 20.22 -10.12
CA VAL B 291 19.96 21.38 -9.59
C VAL B 291 20.64 21.89 -8.32
N SER B 292 20.53 23.19 -8.07
CA SER B 292 20.90 23.73 -6.78
C SER B 292 19.92 24.86 -6.45
N LYS B 293 20.00 25.41 -5.23
CA LYS B 293 19.01 26.43 -4.88
C LYS B 293 19.23 27.73 -5.65
N SER B 294 20.37 27.85 -6.32
CA SER B 294 20.63 29.01 -7.18
C SER B 294 20.19 28.74 -8.62
N SER B 295 19.59 27.58 -8.88
CA SER B 295 19.02 27.28 -10.21
C SER B 295 17.83 28.18 -10.52
N PRO B 296 17.58 28.44 -11.81
CA PRO B 296 16.38 29.18 -12.21
C PRO B 296 15.14 28.54 -11.62
N ALA B 297 14.13 29.34 -11.28
CA ALA B 297 12.89 28.84 -10.70
C ALA B 297 12.31 27.67 -11.51
N GLU B 298 12.41 27.78 -12.83
CA GLU B 298 11.87 26.78 -13.74
C GLU B 298 12.63 25.45 -13.61
N LYS B 299 13.93 25.52 -13.41
CA LYS B 299 14.75 24.32 -13.25
C LYS B 299 14.46 23.67 -11.92
N ILE B 300 14.23 24.48 -10.88
CA ILE B 300 13.86 23.93 -9.57
C ILE B 300 12.54 23.19 -9.67
N LYS B 301 11.58 23.78 -10.39
CA LYS B 301 10.27 23.16 -10.59
C LYS B 301 10.39 21.83 -11.33
N LEU B 302 11.30 21.80 -12.30
CA LEU B 302 11.60 20.57 -13.05
C LEU B 302 12.01 19.49 -12.05
N ALA B 303 12.91 19.84 -11.14
CA ALA B 303 13.34 18.93 -10.09
C ALA B 303 12.19 18.49 -9.18
N ALA B 304 11.36 19.45 -8.78
CA ALA B 304 10.25 19.13 -7.90
C ALA B 304 9.31 18.14 -8.57
N ASP B 305 9.03 18.36 -9.85
CA ASP B 305 8.08 17.51 -10.56
C ASP B 305 8.61 16.09 -10.74
N GLN B 306 9.91 15.96 -11.02
CA GLN B 306 10.52 14.64 -11.06
C GLN B 306 10.33 13.92 -9.72
N ALA B 307 10.70 14.60 -8.64
CA ALA B 307 10.66 13.97 -7.34
C ALA B 307 9.23 13.57 -6.93
N ALA B 308 8.26 14.44 -7.19
CA ALA B 308 6.87 14.12 -6.86
C ALA B 308 6.38 12.88 -7.63
N ASP B 309 6.75 12.79 -8.91
CA ASP B 309 6.36 11.64 -9.73
C ASP B 309 7.08 10.37 -9.25
N MET B 310 8.39 10.48 -9.02
CA MET B 310 9.15 9.31 -8.55
C MET B 310 8.58 8.75 -7.25
N VAL B 311 8.28 9.64 -6.31
CA VAL B 311 7.76 9.28 -5.00
C VAL B 311 6.39 8.58 -5.05
N LYS B 312 5.48 9.13 -5.86
CA LYS B 312 4.13 8.55 -6.00
C LYS B 312 4.16 7.20 -6.69
N LEU B 313 4.87 7.11 -7.82
CA LEU B 313 5.00 5.83 -8.53
C LEU B 313 5.60 4.75 -7.64
N ALA B 314 6.62 5.09 -6.86
CA ALA B 314 7.22 4.10 -5.96
C ALA B 314 6.19 3.63 -4.92
N LYS B 315 5.39 4.57 -4.43
CA LYS B 315 4.32 4.24 -3.50
C LYS B 315 3.35 3.26 -4.15
N ASP B 316 2.91 3.60 -5.36
CA ASP B 316 2.00 2.76 -6.14
C ASP B 316 2.55 1.35 -6.32
N HIS B 317 3.87 1.23 -6.46
CA HIS B 317 4.49 -0.04 -6.75
C HIS B 317 5.10 -0.73 -5.53
N HIS B 318 4.74 -0.28 -4.33
CA HIS B 318 5.35 -0.84 -3.12
C HIS B 318 6.86 -0.84 -3.18
N SER B 319 7.41 0.29 -3.60
CA SER B 319 8.85 0.47 -3.62
C SER B 319 9.15 1.57 -2.61
N ALA B 320 10.34 2.15 -2.71
CA ALA B 320 10.70 3.30 -1.89
C ALA B 320 11.87 3.99 -2.57
N THR B 321 12.09 5.25 -2.23
CA THR B 321 13.04 6.08 -2.95
C THR B 321 13.94 6.84 -2.01
N PHE B 322 15.18 7.09 -2.45
CA PHE B 322 16.14 7.88 -1.71
C PHE B 322 16.71 8.99 -2.55
N TYR B 323 16.42 10.23 -2.19
CA TYR B 323 16.91 11.38 -2.95
C TYR B 323 18.44 11.48 -2.88
N TRP B 324 19.12 11.68 -4.02
CA TRP B 324 20.57 11.92 -3.98
C TRP B 324 20.92 13.36 -3.65
N MET B 325 21.19 13.63 -2.37
CA MET B 325 21.88 14.86 -1.90
C MET B 325 21.18 16.22 -2.00
N SER B 326 20.61 16.54 -3.16
CA SER B 326 20.31 17.94 -3.50
C SER B 326 19.41 18.67 -2.50
N ILE B 327 18.47 17.97 -1.88
CA ILE B 327 17.44 18.61 -1.07
C ILE B 327 17.97 19.03 0.32
N PHE B 328 19.16 18.56 0.67
CA PHE B 328 19.65 18.75 2.04
C PHE B 328 21.17 18.70 2.00
N ASP B 329 21.79 19.83 1.63
CA ASP B 329 23.16 19.82 1.14
C ASP B 329 24.07 20.86 1.78
N GLY B 330 25.33 20.47 1.99
CA GLY B 330 26.36 21.37 2.47
C GLY B 330 26.01 22.06 3.76
N SER B 331 26.23 23.38 3.81
CA SER B 331 25.97 24.19 5.00
C SER B 331 24.52 24.13 5.47
N ASP B 332 23.60 23.89 4.55
CA ASP B 332 22.19 23.72 4.94
C ASP B 332 22.00 22.57 5.93
N ARG B 333 22.85 21.56 5.88
CA ARG B 333 22.76 20.45 6.82
C ARG B 333 23.02 20.92 8.27
N ILE B 334 23.84 21.96 8.41
CA ILE B 334 24.29 22.44 9.72
C ILE B 334 23.23 23.33 10.36
N GLN B 335 22.38 23.90 9.51
CA GLN B 335 21.43 24.91 9.96
C GLN B 335 20.51 24.38 11.06
N PRO B 336 19.77 23.28 10.84
CA PRO B 336 19.53 22.46 9.64
C PRO B 336 18.30 22.97 8.90
N GLN B 337 18.35 22.95 7.58
CA GLN B 337 17.22 23.36 6.76
C GLN B 337 17.33 22.69 5.41
N TRP B 338 16.20 22.58 4.71
CA TRP B 338 16.20 22.06 3.36
C TRP B 338 16.93 23.00 2.42
N SER B 339 17.72 22.44 1.51
CA SER B 339 18.34 23.23 0.46
C SER B 339 17.29 23.57 -0.60
N LEU B 340 16.33 22.67 -0.78
CA LEU B 340 15.32 22.83 -1.82
C LEU B 340 13.93 22.59 -1.25
N PRO B 341 13.44 23.55 -0.46
CA PRO B 341 12.17 23.34 0.25
C PRO B 341 10.99 23.03 -0.67
N THR B 342 10.95 23.58 -1.89
CA THR B 342 9.79 23.35 -2.75
C THR B 342 9.81 21.94 -3.34
N VAL B 343 11.01 21.41 -3.56
CA VAL B 343 11.17 20.03 -3.99
C VAL B 343 10.68 19.07 -2.90
N VAL B 344 11.12 19.31 -1.67
CA VAL B 344 10.67 18.51 -0.55
C VAL B 344 9.17 18.62 -0.36
N GLU B 345 8.65 19.84 -0.48
CA GLU B 345 7.20 20.01 -0.38
C GLU B 345 6.45 19.17 -1.40
N ALA B 346 6.95 19.12 -2.64
CA ALA B 346 6.28 18.32 -3.66
C ALA B 346 6.34 16.82 -3.32
N MET B 347 7.45 16.39 -2.75
CA MET B 347 7.59 14.98 -2.37
C MET B 347 6.63 14.61 -1.24
N GLN B 348 6.50 15.49 -0.26
CA GLN B 348 5.64 15.25 0.88
C GLN B 348 4.19 15.15 0.45
N GLU B 349 3.76 16.06 -0.42
CA GLU B 349 2.37 16.04 -0.86
C GLU B 349 2.09 14.78 -1.68
N ALA B 350 3.03 14.42 -2.56
CA ALA B 350 2.83 13.24 -3.40
C ALA B 350 2.78 11.98 -2.55
N TYR B 351 3.60 11.92 -1.50
CA TYR B 351 3.68 10.71 -0.68
C TYR B 351 2.50 10.57 0.26
N ASN B 352 2.06 11.67 0.84
CA ASN B 352 1.01 11.62 1.84
C ASN B 352 -0.37 11.84 1.18
N ASN B 353 -0.39 11.63 -0.13
CA ASN B 353 -1.59 11.46 -0.97
C ASN B 353 -2.26 12.78 -1.32
#